data_1MU2
#
_entry.id   1MU2
#
_cell.length_a   149.77
_cell.length_b   107.81
_cell.length_c   82.16
_cell.angle_alpha   90.00
_cell.angle_beta   90.00
_cell.angle_gamma   90.00
#
_symmetry.space_group_name_H-M   'P 21 21 21'
#
loop_
_entity.id
_entity.type
_entity.pdbx_description
1 polymer 'HIV-2 RT'
2 polymer 'HIV-2 RT'
3 non-polymer 'SULFATE ION'
4 non-polymer GLYCEROL
5 water water
#
loop_
_entity_poly.entity_id
_entity_poly.type
_entity_poly.pdbx_seq_one_letter_code
_entity_poly.pdbx_strand_id
1 'polypeptide(L)'
;PVAKVEPIKIMLKPGKDGPKLRQWPLTKEKIEALKEICEKMEKEGQLEEAPPTNPYNTPTFAIKKKDKNKWRMLIDFREL
NKVTQDFTEIQLGIPHPAGLAKKRRITVLDVGDAYFSIPLHEDFRPYTAFTLPSVNNAEPGKRYIYKVLPQGWKGSPAIF
QHTMRQVLEPFRKANKDVIIIQYMDDILIASDRTDLEHDRVVLQLKELLNGLGFSTPDEKFQKDPPYHWMGYELWPTKWK
LQKIQLPQKEIWTVNDIQKLVGVLNWAAQLYPGIKTKHLCRLISGKMTLTEEVQWTELAEAELEENRIILSQEQEGHYYQ
EEKELEATVQKDQDNQWTYKIHQEEKILKVGKYAKVKNTHTNGIRLLAQVVQKIGKEALVIWGRIPKFHLPVEREIWEQW
WDNYWQVTWIPDWDFVSTPPLVRLAFNLVGDPIPGAETFYTDGSCNRQSKEGKAGYVTDRGKDKVKKLEQTTNQQAELEA
FAMALTDSGPKVNIIVDSQYVMGIVASQPTESESKIVNQIIEEMIKKEAIYVAWVPAHKGIGGNQEVDHLVSQGI
;
A
2 'polypeptide(L)'
;EPIKIMLKPGKDGPKLRQWPLTKEKIEALKEICEKMEKEGQLEEAPPTNPYNTPTFAIKKKDKNKWRMLIDFRELNKVTQ
DFTEIQLGIPHPAGLAKKRRITVLDVGDAYFSIPLHEDFRPYTAFTLPSVNNAEPGKRYIYKVLPQGWKGSPAIFQHTMR
QVLEPFRKANKDVIIIQYMDDILIASDRTDLEHDRVVLQLKELLNGLGFSTPDEKFQKDPPYHWMGYELWPTKWKLQKIQ
LPQKEIWTVNDIQKLVGVLNWAAQLYPGIKTKHLCRLISGKMTLTEEVQWTELAEAELEENRIILSQEQEGHYYQEEKEL
EATVQKDQDNQWTYKIHQEEKILKVGKYAKVKNTHTNGIRLLAQVVQKIGKEALVIWGRIPKFHLPVEREIWEQWWDNYW
QVTWIPDWDFVSTPPLVRLAFNLVGD
;
B
#
# COMPACT_ATOMS: atom_id res chain seq x y z
N ALA A 3 40.20 14.05 -17.95
CA ALA A 3 38.99 13.23 -17.70
C ALA A 3 38.27 13.67 -16.39
N LYS A 4 37.64 14.85 -16.40
CA LYS A 4 36.97 15.34 -15.19
C LYS A 4 35.45 15.55 -15.26
N VAL A 5 34.76 14.97 -14.28
CA VAL A 5 33.30 15.12 -14.14
C VAL A 5 33.15 15.96 -12.88
N GLU A 6 32.36 17.03 -12.96
CA GLU A 6 32.18 17.90 -11.81
C GLU A 6 31.38 17.22 -10.68
N PRO A 7 31.86 17.31 -9.42
CA PRO A 7 31.20 16.71 -8.26
C PRO A 7 29.80 17.30 -8.08
N ILE A 8 28.90 16.51 -7.52
CA ILE A 8 27.54 16.99 -7.30
C ILE A 8 27.52 18.04 -6.19
N LYS A 9 26.66 19.06 -6.31
CA LYS A 9 26.59 20.10 -5.28
C LYS A 9 25.78 19.65 -4.06
N ILE A 10 26.27 19.97 -2.87
CA ILE A 10 25.59 19.55 -1.65
C ILE A 10 25.24 20.74 -0.76
N MET A 11 24.17 20.60 0.01
CA MET A 11 23.73 21.66 0.89
C MET A 11 23.50 21.18 2.31
N LEU A 12 23.43 22.13 3.22
CA LEU A 12 23.15 21.81 4.60
C LEU A 12 21.66 22.04 4.72
N LYS A 13 21.03 21.46 5.73
CA LYS A 13 19.60 21.66 5.93
C LYS A 13 19.43 23.17 6.16
N PRO A 14 18.35 23.75 5.64
CA PRO A 14 18.14 25.19 5.83
C PRO A 14 18.25 25.67 7.28
N GLY A 15 18.79 26.87 7.45
CA GLY A 15 18.95 27.44 8.78
C GLY A 15 19.90 26.66 9.68
N LYS A 16 20.82 25.93 9.07
CA LYS A 16 21.79 25.15 9.84
C LYS A 16 23.20 25.52 9.38
N ASP A 17 24.20 25.22 10.21
CA ASP A 17 25.60 25.52 9.90
C ASP A 17 26.46 24.27 10.16
N GLY A 18 27.62 24.19 9.51
CA GLY A 18 28.49 23.05 9.71
C GLY A 18 28.91 22.89 11.16
N PRO A 19 29.53 21.77 11.53
CA PRO A 19 29.96 21.56 12.92
C PRO A 19 31.18 22.37 13.35
N LYS A 20 31.24 22.68 14.64
CA LYS A 20 32.34 23.40 15.25
C LYS A 20 32.46 22.74 16.61
N LEU A 21 32.80 21.46 16.61
CA LEU A 21 32.89 20.71 17.84
C LEU A 21 34.25 20.65 18.50
N ARG A 22 34.22 20.15 19.73
CA ARG A 22 35.38 19.98 20.59
C ARG A 22 36.35 18.90 20.17
N GLN A 23 37.62 19.28 20.05
CA GLN A 23 38.66 18.33 19.69
C GLN A 23 39.31 17.78 20.97
N TRP A 24 38.87 16.61 21.40
CA TRP A 24 39.38 15.95 22.61
C TRP A 24 40.81 15.42 22.48
N PRO A 25 41.73 15.95 23.30
CA PRO A 25 43.13 15.51 23.25
C PRO A 25 43.31 14.02 23.51
N LEU A 26 44.20 13.40 22.74
CA LEU A 26 44.49 11.99 22.91
C LEU A 26 45.97 11.76 23.04
N THR A 27 46.31 10.57 23.55
CA THR A 27 47.70 10.18 23.78
C THR A 27 48.66 10.56 22.67
N LYS A 28 49.95 10.52 23.02
CA LYS A 28 51.03 10.84 22.09
C LYS A 28 51.17 9.74 21.05
N GLU A 29 51.07 8.48 21.50
CA GLU A 29 51.17 7.35 20.60
C GLU A 29 50.10 7.47 19.51
N LYS A 30 48.87 7.76 19.93
CA LYS A 30 47.76 7.91 19.01
C LYS A 30 48.07 8.98 17.98
N ILE A 31 48.14 10.23 18.43
CA ILE A 31 48.44 11.36 17.54
C ILE A 31 49.59 11.04 16.59
N GLU A 32 50.33 9.98 16.90
CA GLU A 32 51.44 9.58 16.05
C GLU A 32 50.92 8.80 14.85
N ALA A 33 50.08 7.79 15.12
CA ALA A 33 49.50 6.96 14.07
C ALA A 33 48.56 7.78 13.20
N LEU A 34 47.75 8.63 13.83
CA LEU A 34 46.82 9.47 13.10
C LEU A 34 47.53 10.33 12.05
N LYS A 35 48.48 11.15 12.49
CA LYS A 35 49.22 12.00 11.56
C LYS A 35 49.82 11.15 10.44
N GLU A 36 50.16 9.92 10.77
CA GLU A 36 50.73 9.00 9.80
C GLU A 36 49.69 8.65 8.74
N ILE A 37 48.46 8.41 9.21
CA ILE A 37 47.33 8.07 8.34
C ILE A 37 47.02 9.24 7.42
N CYS A 38 46.82 10.41 8.02
CA CYS A 38 46.51 11.63 7.28
C CYS A 38 47.63 12.01 6.33
N GLU A 39 48.85 11.67 6.71
CA GLU A 39 50.02 11.93 5.89
C GLU A 39 49.76 11.26 4.54
N LYS A 40 49.46 9.96 4.60
CA LYS A 40 49.20 9.17 3.41
C LYS A 40 47.96 9.62 2.62
N MET A 41 46.89 9.96 3.33
CA MET A 41 45.66 10.41 2.70
C MET A 41 45.82 11.74 1.98
N GLU A 42 46.59 12.65 2.56
CA GLU A 42 46.81 13.93 1.89
C GLU A 42 47.68 13.64 0.67
N LYS A 43 48.63 12.71 0.83
CA LYS A 43 49.53 12.31 -0.26
C LYS A 43 48.69 11.83 -1.44
N GLU A 44 47.99 10.72 -1.22
CA GLU A 44 47.17 10.11 -2.25
C GLU A 44 46.04 10.96 -2.83
N GLY A 45 45.69 12.06 -2.15
CA GLY A 45 44.65 12.92 -2.65
C GLY A 45 43.30 12.88 -1.93
N GLN A 46 43.17 12.06 -0.90
CA GLN A 46 41.91 11.97 -0.16
C GLN A 46 41.71 13.18 0.73
N LEU A 47 42.81 13.67 1.30
CA LEU A 47 42.79 14.84 2.18
C LEU A 47 43.53 16.05 1.61
N GLU A 48 43.26 17.19 2.22
CA GLU A 48 43.85 18.46 1.82
C GLU A 48 43.80 19.29 3.08
N GLU A 49 44.71 20.25 3.18
CA GLU A 49 44.78 21.11 4.35
C GLU A 49 43.78 22.27 4.33
N ALA A 50 43.11 22.46 5.46
CA ALA A 50 42.10 23.50 5.60
C ALA A 50 42.61 24.94 5.61
N PRO A 51 41.99 25.81 4.80
CA PRO A 51 42.42 27.20 4.79
C PRO A 51 42.33 27.77 6.21
N PRO A 52 43.15 28.78 6.53
CA PRO A 52 43.12 29.37 7.88
C PRO A 52 41.76 29.93 8.28
N THR A 53 40.86 30.11 7.31
CA THR A 53 39.54 30.66 7.62
C THR A 53 38.47 29.63 7.94
N ASN A 54 38.81 28.35 7.92
CA ASN A 54 37.82 27.32 8.21
C ASN A 54 37.50 27.30 9.71
N PRO A 55 36.26 27.64 10.08
CA PRO A 55 35.78 27.68 11.48
C PRO A 55 35.20 26.37 11.98
N TYR A 56 35.05 25.43 11.06
CA TYR A 56 34.45 24.13 11.34
C TYR A 56 35.39 23.10 11.93
N ASN A 57 34.83 22.17 12.68
CA ASN A 57 35.62 21.08 13.22
C ASN A 57 34.77 19.91 13.67
N THR A 58 35.34 18.72 13.50
CA THR A 58 34.67 17.47 13.86
C THR A 58 35.68 16.62 14.66
N PRO A 59 35.20 16.01 15.77
CA PRO A 59 36.02 15.16 16.63
C PRO A 59 36.68 14.00 15.89
N THR A 60 37.95 13.77 16.17
CA THR A 60 38.69 12.67 15.58
C THR A 60 39.06 11.67 16.66
N PHE A 61 39.05 10.41 16.31
CA PHE A 61 39.37 9.37 17.27
C PHE A 61 40.28 8.34 16.64
N ALA A 62 40.94 7.57 17.50
CA ALA A 62 41.82 6.52 17.06
C ALA A 62 41.34 5.28 17.81
N ILE A 63 41.20 4.16 17.10
CA ILE A 63 40.75 2.92 17.73
C ILE A 63 41.69 1.77 17.40
N LYS A 64 41.91 0.90 18.38
CA LYS A 64 42.81 -0.25 18.24
C LYS A 64 42.41 -1.12 17.04
N LYS A 65 43.25 -1.05 16.01
CA LYS A 65 43.08 -1.81 14.76
C LYS A 65 42.18 -3.03 14.92
N LYS A 66 41.16 -3.14 14.07
CA LYS A 66 40.27 -4.30 14.12
C LYS A 66 40.99 -5.46 13.41
N ASP A 67 42.24 -5.67 13.79
CA ASP A 67 43.06 -6.74 13.21
C ASP A 67 44.40 -6.88 13.94
N ARG A 72 42.59 2.68 11.60
CA ARG A 72 42.75 3.06 12.99
C ARG A 72 42.12 4.43 13.26
N MET A 73 41.93 5.23 12.22
CA MET A 73 41.34 6.56 12.41
C MET A 73 39.84 6.55 12.16
N LEU A 74 39.12 7.21 13.07
CA LEU A 74 37.67 7.28 13.01
C LEU A 74 37.12 8.68 13.30
N ILE A 75 36.56 9.34 12.29
CA ILE A 75 35.99 10.69 12.49
C ILE A 75 34.52 10.62 12.87
N ASP A 76 34.10 11.46 13.81
CA ASP A 76 32.71 11.44 14.27
C ASP A 76 31.79 12.43 13.55
N PHE A 77 31.41 12.07 12.33
CA PHE A 77 30.57 12.93 11.51
C PHE A 77 29.11 12.99 11.90
N ARG A 78 28.80 12.56 13.12
CA ARG A 78 27.43 12.57 13.61
C ARG A 78 26.74 13.92 13.52
N GLU A 79 27.47 14.98 13.85
CA GLU A 79 26.90 16.32 13.82
C GLU A 79 26.78 16.85 12.38
N LEU A 80 27.80 16.58 11.55
CA LEU A 80 27.76 17.02 10.16
C LEU A 80 26.61 16.34 9.45
N ASN A 81 26.39 15.06 9.75
CA ASN A 81 25.31 14.30 9.12
C ASN A 81 23.97 14.89 9.48
N LYS A 82 23.83 15.27 10.75
CA LYS A 82 22.60 15.85 11.27
C LYS A 82 22.21 17.14 10.56
N VAL A 83 23.21 17.86 10.06
CA VAL A 83 22.99 19.13 9.37
C VAL A 83 23.02 19.03 7.84
N THR A 84 23.54 17.92 7.32
CA THR A 84 23.58 17.71 5.88
C THR A 84 22.17 17.50 5.34
N GLN A 85 21.95 17.94 4.12
CA GLN A 85 20.66 17.75 3.47
C GLN A 85 20.36 16.26 3.37
N ASP A 86 19.14 15.96 2.97
CA ASP A 86 18.70 14.59 2.79
C ASP A 86 19.04 14.17 1.37
N PHE A 87 19.31 12.87 1.17
CA PHE A 87 19.61 12.37 -0.17
C PHE A 87 18.53 11.37 -0.52
N THR A 88 18.71 10.67 -1.63
CA THR A 88 17.72 9.68 -1.96
C THR A 88 18.26 8.33 -1.59
N GLU A 89 17.42 7.46 -1.03
CA GLU A 89 17.87 6.11 -0.69
C GLU A 89 17.64 5.35 -2.00
N ILE A 90 18.62 5.42 -2.92
CA ILE A 90 18.50 4.80 -4.25
C ILE A 90 18.41 3.27 -4.36
N GLN A 91 18.53 2.54 -3.24
CA GLN A 91 18.37 1.08 -3.27
C GLN A 91 18.12 0.40 -1.93
N LEU A 92 16.84 0.28 -1.57
CA LEU A 92 16.47 -0.42 -0.35
C LEU A 92 15.82 -1.72 -0.83
N GLY A 93 16.53 -2.81 -0.56
CA GLY A 93 16.10 -4.12 -0.97
C GLY A 93 17.37 -4.79 -1.43
N ILE A 94 17.54 -6.04 -1.05
CA ILE A 94 18.74 -6.79 -1.40
C ILE A 94 18.45 -7.90 -2.38
N PRO A 95 19.33 -8.07 -3.38
CA PRO A 95 19.08 -9.14 -4.34
C PRO A 95 19.03 -10.47 -3.62
N HIS A 96 18.11 -11.32 -4.06
CA HIS A 96 17.99 -12.63 -3.45
C HIS A 96 18.40 -13.68 -4.50
N PRO A 97 19.35 -14.56 -4.14
CA PRO A 97 19.87 -15.64 -5.01
C PRO A 97 18.81 -16.55 -5.62
N ALA A 98 17.63 -16.60 -5.01
CA ALA A 98 16.56 -17.42 -5.53
C ALA A 98 16.05 -16.76 -6.79
N GLY A 99 16.36 -15.48 -6.97
CA GLY A 99 15.93 -14.78 -8.17
C GLY A 99 17.01 -14.68 -9.23
N LEU A 100 18.20 -15.17 -8.88
CA LEU A 100 19.33 -15.15 -9.78
C LEU A 100 19.12 -16.30 -10.78
N ALA A 101 19.14 -15.96 -12.07
CA ALA A 101 18.95 -16.96 -13.11
C ALA A 101 20.15 -17.90 -13.08
N LYS A 102 19.90 -19.18 -13.34
CA LYS A 102 20.96 -20.17 -13.34
C LYS A 102 21.80 -19.94 -14.57
N LYS A 103 23.07 -19.62 -14.34
CA LYS A 103 24.01 -19.36 -15.42
C LYS A 103 25.25 -20.25 -15.26
N ARG A 104 25.87 -20.56 -16.40
CA ARG A 104 27.04 -21.42 -16.46
C ARG A 104 28.22 -20.93 -15.62
N ARG A 105 28.55 -19.65 -15.72
CA ARG A 105 29.67 -19.08 -14.96
C ARG A 105 29.27 -17.89 -14.08
N ILE A 106 29.90 -17.82 -12.92
CA ILE A 106 29.66 -16.75 -11.98
C ILE A 106 31.01 -16.24 -11.52
N THR A 107 31.07 -14.95 -11.20
CA THR A 107 32.29 -14.32 -10.71
C THR A 107 31.82 -13.23 -9.74
N VAL A 108 32.52 -13.07 -8.63
CA VAL A 108 32.16 -12.04 -7.65
C VAL A 108 33.40 -11.22 -7.39
N LEU A 109 33.25 -9.89 -7.31
CA LEU A 109 34.40 -9.04 -7.03
C LEU A 109 34.02 -7.74 -6.33
N ASP A 110 34.93 -7.23 -5.51
CA ASP A 110 34.68 -5.99 -4.78
C ASP A 110 35.53 -4.84 -5.26
N VAL A 111 34.99 -3.64 -5.08
CA VAL A 111 35.66 -2.41 -5.42
C VAL A 111 36.38 -2.01 -4.13
N GLY A 112 37.67 -1.73 -4.22
CA GLY A 112 38.43 -1.33 -3.05
C GLY A 112 38.42 0.17 -2.88
N ASP A 113 38.42 0.63 -1.63
CA ASP A 113 38.38 2.07 -1.34
C ASP A 113 37.54 2.78 -2.38
N ALA A 114 36.26 2.40 -2.42
CA ALA A 114 35.30 2.95 -3.38
C ALA A 114 35.12 4.45 -3.22
N TYR A 115 34.96 4.92 -1.98
CA TYR A 115 34.76 6.35 -1.70
C TYR A 115 35.94 7.21 -2.09
N PHE A 116 37.13 6.64 -1.98
CA PHE A 116 38.37 7.35 -2.31
C PHE A 116 38.43 7.83 -3.76
N SER A 117 37.65 7.17 -4.62
CA SER A 117 37.61 7.47 -6.06
C SER A 117 36.53 8.49 -6.42
N ILE A 118 35.82 9.01 -5.44
CA ILE A 118 34.78 9.96 -5.74
C ILE A 118 35.02 11.31 -5.08
N PRO A 119 35.26 12.35 -5.89
CA PRO A 119 35.51 13.70 -5.42
C PRO A 119 34.33 14.36 -4.75
N LEU A 120 34.60 15.03 -3.64
CA LEU A 120 33.57 15.74 -2.90
C LEU A 120 33.56 17.17 -3.42
N HIS A 121 32.38 17.73 -3.61
CA HIS A 121 32.26 19.08 -4.13
C HIS A 121 33.01 20.11 -3.31
N GLU A 122 33.76 20.95 -4.00
CA GLU A 122 34.56 22.00 -3.40
C GLU A 122 33.83 22.82 -2.31
N ASP A 123 32.60 23.24 -2.59
CA ASP A 123 31.86 24.03 -1.62
C ASP A 123 31.43 23.28 -0.37
N PHE A 124 31.52 21.96 -0.40
CA PHE A 124 31.09 21.20 0.77
C PHE A 124 32.23 20.65 1.63
N ARG A 125 33.44 20.63 1.06
CA ARG A 125 34.60 20.13 1.81
C ARG A 125 34.87 20.91 3.09
N PRO A 126 34.59 22.23 3.10
CA PRO A 126 34.81 23.06 4.28
C PRO A 126 34.27 22.46 5.59
N TYR A 127 33.06 21.90 5.54
CA TYR A 127 32.42 21.30 6.70
C TYR A 127 33.02 20.00 7.21
N THR A 128 33.86 19.37 6.40
CA THR A 128 34.48 18.09 6.79
C THR A 128 35.71 18.27 7.65
N ALA A 129 36.10 19.53 7.84
CA ALA A 129 37.27 19.87 8.61
C ALA A 129 37.38 19.22 9.99
N PHE A 130 38.57 18.73 10.29
CA PHE A 130 38.85 18.11 11.58
C PHE A 130 40.28 18.50 11.96
N THR A 131 40.57 18.58 13.25
CA THR A 131 41.90 18.96 13.71
C THR A 131 42.70 17.78 14.26
N LEU A 132 44.01 17.85 14.09
CA LEU A 132 44.86 16.78 14.56
C LEU A 132 45.82 17.23 15.66
N LYS A 142 47.61 19.85 13.11
CA LYS A 142 47.24 20.24 11.75
C LYS A 142 45.76 19.94 11.40
N ARG A 143 45.18 20.80 10.57
CA ARG A 143 43.79 20.65 10.16
C ARG A 143 43.61 20.25 8.69
N TYR A 144 42.71 19.29 8.47
CA TYR A 144 42.42 18.78 7.14
C TYR A 144 40.94 18.86 6.79
N ILE A 145 40.68 18.72 5.50
CA ILE A 145 39.31 18.68 4.98
C ILE A 145 39.37 17.57 3.95
N TYR A 146 38.23 16.95 3.69
CA TYR A 146 38.14 15.86 2.72
C TYR A 146 38.00 16.38 1.29
N LYS A 147 38.58 15.63 0.35
CA LYS A 147 38.51 15.98 -1.06
C LYS A 147 37.65 14.92 -1.74
N VAL A 148 37.47 13.81 -1.05
CA VAL A 148 36.67 12.67 -1.51
C VAL A 148 35.53 12.42 -0.53
N LEU A 149 34.62 11.51 -0.89
CA LEU A 149 33.49 11.17 -0.04
C LEU A 149 34.02 10.60 1.28
N PRO A 150 33.69 11.22 2.41
CA PRO A 150 34.17 10.72 3.68
C PRO A 150 33.41 9.48 4.16
N GLN A 151 34.15 8.51 4.70
CA GLN A 151 33.54 7.31 5.25
C GLN A 151 32.73 7.80 6.47
N GLY A 152 31.48 7.35 6.60
CA GLY A 152 30.71 7.78 7.75
C GLY A 152 29.90 9.04 7.51
N TRP A 153 30.11 9.68 6.35
CA TRP A 153 29.33 10.86 6.07
C TRP A 153 28.04 10.37 5.41
N LYS A 154 26.94 11.01 5.77
CA LYS A 154 25.58 10.73 5.30
C LYS A 154 25.43 10.55 3.79
N GLY A 155 26.01 11.47 3.01
CA GLY A 155 25.87 11.37 1.58
C GLY A 155 26.76 10.39 0.83
N SER A 156 27.81 9.88 1.45
CA SER A 156 28.73 8.98 0.76
C SER A 156 28.13 7.76 0.09
N PRO A 157 27.29 7.01 0.81
CA PRO A 157 26.71 5.84 0.14
C PRO A 157 25.72 6.18 -0.98
N ALA A 158 24.94 7.25 -0.84
CA ALA A 158 23.98 7.64 -1.88
C ALA A 158 24.72 8.04 -3.15
N ILE A 159 25.76 8.85 -2.97
CA ILE A 159 26.54 9.32 -4.10
C ILE A 159 27.31 8.16 -4.72
N PHE A 160 27.93 7.33 -3.89
CA PHE A 160 28.67 6.18 -4.39
C PHE A 160 27.79 5.24 -5.20
N GLN A 161 26.62 4.93 -4.64
CA GLN A 161 25.66 4.03 -5.27
C GLN A 161 25.22 4.58 -6.61
N HIS A 162 25.03 5.88 -6.65
CA HIS A 162 24.60 6.54 -7.85
C HIS A 162 25.71 6.49 -8.90
N THR A 163 26.93 6.78 -8.47
CA THR A 163 28.08 6.78 -9.35
C THR A 163 28.32 5.38 -9.94
N MET A 164 28.23 4.37 -9.09
CA MET A 164 28.48 3.02 -9.56
C MET A 164 27.44 2.58 -10.59
N ARG A 165 26.20 3.03 -10.44
CA ARG A 165 25.15 2.67 -11.38
C ARG A 165 25.48 3.18 -12.77
N GLN A 166 26.03 4.39 -12.82
CA GLN A 166 26.38 5.01 -14.09
C GLN A 166 27.61 4.45 -14.75
N VAL A 167 28.50 3.91 -13.94
CA VAL A 167 29.71 3.31 -14.45
C VAL A 167 29.35 1.97 -15.09
N LEU A 168 28.47 1.22 -14.42
CA LEU A 168 28.09 -0.09 -14.90
C LEU A 168 27.03 -0.12 -16.00
N GLU A 169 26.24 0.94 -16.10
CA GLU A 169 25.18 0.99 -17.09
C GLU A 169 25.69 0.76 -18.53
N PRO A 170 26.74 1.49 -18.94
CA PRO A 170 27.23 1.27 -20.31
C PRO A 170 27.78 -0.14 -20.51
N PHE A 171 28.36 -0.71 -19.46
CA PHE A 171 28.88 -2.06 -19.55
C PHE A 171 27.73 -3.05 -19.73
N ARG A 172 26.66 -2.85 -18.99
CA ARG A 172 25.51 -3.72 -19.07
C ARG A 172 24.81 -3.68 -20.40
N LYS A 173 24.73 -2.49 -21.02
CA LYS A 173 24.06 -2.35 -22.32
C LYS A 173 24.94 -2.83 -23.47
N ALA A 174 26.22 -3.05 -23.19
CA ALA A 174 27.15 -3.54 -24.20
C ALA A 174 27.11 -5.07 -24.17
N ASN A 175 26.80 -5.61 -23.00
CA ASN A 175 26.73 -7.04 -22.81
C ASN A 175 25.38 -7.43 -22.27
N LYS A 176 24.35 -7.24 -23.10
CA LYS A 176 22.98 -7.53 -22.74
C LYS A 176 22.71 -8.94 -22.20
N ASP A 177 23.62 -9.87 -22.49
CA ASP A 177 23.44 -11.26 -22.06
C ASP A 177 24.02 -11.59 -20.70
N VAL A 178 24.92 -10.74 -20.23
CA VAL A 178 25.57 -10.93 -18.94
C VAL A 178 24.74 -10.38 -17.78
N ILE A 179 24.67 -11.12 -16.69
CA ILE A 179 23.94 -10.66 -15.53
C ILE A 179 24.91 -9.93 -14.60
N ILE A 180 24.63 -8.65 -14.38
CA ILE A 180 25.45 -7.84 -13.51
C ILE A 180 24.51 -7.43 -12.41
N ILE A 181 24.92 -7.68 -11.18
CA ILE A 181 24.15 -7.32 -10.02
C ILE A 181 25.10 -6.53 -9.11
N GLN A 182 24.76 -5.27 -8.84
CA GLN A 182 25.63 -4.50 -7.95
C GLN A 182 24.88 -4.04 -6.70
N TYR A 183 25.50 -4.29 -5.54
CA TYR A 183 24.94 -3.86 -4.26
C TYR A 183 26.14 -3.33 -3.50
N MET A 184 26.13 -2.04 -3.14
CA MET A 184 27.27 -1.43 -2.44
C MET A 184 28.50 -1.66 -3.34
N ASP A 185 29.62 -2.07 -2.74
CA ASP A 185 30.80 -2.33 -3.56
C ASP A 185 31.02 -3.81 -3.86
N ASP A 186 29.92 -4.54 -4.05
CA ASP A 186 29.93 -5.96 -4.39
C ASP A 186 29.26 -6.08 -5.75
N ILE A 187 29.95 -6.71 -6.69
CA ILE A 187 29.42 -6.92 -8.03
C ILE A 187 29.46 -8.41 -8.36
N LEU A 188 28.32 -8.95 -8.77
CA LEU A 188 28.25 -10.35 -9.15
C LEU A 188 28.07 -10.38 -10.67
N ILE A 189 28.90 -11.18 -11.34
CA ILE A 189 28.84 -11.32 -12.80
C ILE A 189 28.54 -12.77 -13.15
N ALA A 190 27.49 -13.00 -13.93
CA ALA A 190 27.09 -14.34 -14.34
C ALA A 190 26.72 -14.33 -15.81
N SER A 191 27.11 -15.38 -16.53
CA SER A 191 26.81 -15.47 -17.96
C SER A 191 26.92 -16.90 -18.41
N ASP A 192 26.45 -17.16 -19.62
CA ASP A 192 26.54 -18.50 -20.18
C ASP A 192 27.61 -18.57 -21.28
N ARG A 193 28.51 -17.57 -21.31
CA ARG A 193 29.58 -17.58 -22.29
C ARG A 193 30.58 -18.68 -21.92
N THR A 194 31.51 -18.97 -22.83
CA THR A 194 32.54 -19.98 -22.60
C THR A 194 33.40 -19.52 -21.42
N ASP A 195 34.14 -20.42 -20.81
CA ASP A 195 34.98 -20.03 -19.68
C ASP A 195 35.92 -18.91 -20.13
N LEU A 196 36.39 -19.03 -21.36
CA LEU A 196 37.31 -18.05 -21.95
C LEU A 196 36.60 -16.70 -22.11
N GLU A 197 35.45 -16.73 -22.78
CA GLU A 197 34.66 -15.53 -23.00
C GLU A 197 34.21 -14.83 -21.73
N HIS A 198 33.77 -15.62 -20.75
CA HIS A 198 33.31 -15.09 -19.47
C HIS A 198 34.45 -14.34 -18.79
N ASP A 199 35.57 -15.02 -18.61
CA ASP A 199 36.71 -14.39 -17.96
C ASP A 199 37.12 -13.14 -18.72
N ARG A 200 36.94 -13.18 -20.04
CA ARG A 200 37.31 -12.06 -20.88
C ARG A 200 36.39 -10.87 -20.64
N VAL A 201 35.12 -11.14 -20.43
CA VAL A 201 34.17 -10.05 -20.18
C VAL A 201 34.37 -9.46 -18.78
N VAL A 202 34.80 -10.31 -17.84
CA VAL A 202 35.08 -9.88 -16.47
C VAL A 202 36.28 -8.97 -16.45
N LEU A 203 37.30 -9.34 -17.24
CA LEU A 203 38.49 -8.51 -17.36
C LEU A 203 38.10 -7.18 -17.98
N GLN A 204 37.16 -7.22 -18.93
CA GLN A 204 36.69 -6.02 -19.59
C GLN A 204 36.06 -5.11 -18.55
N LEU A 205 35.31 -5.69 -17.61
CA LEU A 205 34.67 -4.92 -16.55
C LEU A 205 35.70 -4.26 -15.62
N LYS A 206 36.68 -5.04 -15.19
CA LYS A 206 37.73 -4.49 -14.34
C LYS A 206 38.46 -3.35 -15.07
N GLU A 207 38.63 -3.49 -16.38
CA GLU A 207 39.31 -2.46 -17.17
C GLU A 207 38.49 -1.19 -17.16
N LEU A 208 37.17 -1.34 -17.25
CA LEU A 208 36.26 -0.20 -17.23
C LEU A 208 36.37 0.49 -15.88
N LEU A 209 36.23 -0.28 -14.81
CA LEU A 209 36.33 0.29 -13.48
C LEU A 209 37.67 0.94 -13.22
N ASN A 210 38.77 0.21 -13.41
CA ASN A 210 40.11 0.76 -13.17
C ASN A 210 40.35 2.02 -13.96
N GLY A 211 39.81 2.05 -15.18
CA GLY A 211 39.95 3.19 -16.05
C GLY A 211 39.18 4.41 -15.58
N LEU A 212 38.15 4.18 -14.77
CA LEU A 212 37.36 5.27 -14.22
C LEU A 212 37.83 5.55 -12.79
N GLY A 213 38.93 4.92 -12.40
CA GLY A 213 39.50 5.15 -11.08
C GLY A 213 39.09 4.26 -9.94
N PHE A 214 38.32 3.21 -10.21
CA PHE A 214 37.90 2.31 -9.16
C PHE A 214 38.76 1.06 -9.17
N SER A 215 39.46 0.82 -8.06
CA SER A 215 40.31 -0.34 -7.99
C SER A 215 39.50 -1.59 -7.75
N THR A 216 40.08 -2.72 -8.07
CA THR A 216 39.43 -4.00 -7.89
C THR A 216 40.50 -4.97 -7.40
N PRO A 217 40.76 -4.96 -6.08
CA PRO A 217 41.77 -5.83 -5.46
C PRO A 217 41.66 -7.27 -5.96
N ASP A 218 42.81 -7.88 -6.24
CA ASP A 218 42.83 -9.27 -6.70
C ASP A 218 42.35 -10.17 -5.58
N GLU A 219 42.57 -9.72 -4.35
CA GLU A 219 42.17 -10.43 -3.15
C GLU A 219 40.64 -10.40 -2.94
N LYS A 220 39.99 -9.35 -3.43
CA LYS A 220 38.53 -9.21 -3.30
C LYS A 220 37.82 -9.82 -4.51
N PHE A 221 38.62 -10.42 -5.37
CA PHE A 221 38.14 -11.07 -6.58
C PHE A 221 37.90 -12.54 -6.25
N GLN A 222 36.81 -13.11 -6.75
CA GLN A 222 36.49 -14.52 -6.50
C GLN A 222 36.26 -15.37 -7.76
N LYS A 223 37.27 -16.16 -8.12
CA LYS A 223 37.22 -17.01 -9.30
C LYS A 223 36.27 -18.19 -9.19
N ASP A 224 36.49 -19.02 -8.16
CA ASP A 224 35.70 -20.25 -7.95
C ASP A 224 34.75 -20.33 -6.76
N PRO A 225 33.81 -21.29 -6.81
CA PRO A 225 32.81 -21.53 -5.77
C PRO A 225 33.41 -22.19 -4.53
N PRO A 226 32.78 -22.02 -3.36
CA PRO A 226 31.55 -21.25 -3.20
C PRO A 226 31.86 -19.77 -3.24
N TYR A 227 30.92 -18.98 -3.75
CA TYR A 227 31.13 -17.54 -3.83
C TYR A 227 30.48 -16.88 -2.64
N HIS A 228 31.26 -16.10 -1.93
CA HIS A 228 30.73 -15.39 -0.78
C HIS A 228 30.14 -14.09 -1.31
N TRP A 229 28.83 -13.98 -1.22
CA TRP A 229 28.14 -12.81 -1.70
C TRP A 229 27.02 -12.33 -0.79
N MET A 230 27.26 -11.21 -0.13
CA MET A 230 26.30 -10.59 0.77
C MET A 230 25.68 -11.51 1.80
N GLY A 231 26.52 -12.27 2.49
CA GLY A 231 26.03 -13.17 3.52
C GLY A 231 25.61 -14.52 2.98
N TYR A 232 25.54 -14.63 1.66
CA TYR A 232 25.16 -15.89 1.01
C TYR A 232 26.39 -16.61 0.52
N GLU A 233 26.26 -17.91 0.36
CA GLU A 233 27.31 -18.73 -0.19
C GLU A 233 26.68 -19.37 -1.41
N LEU A 234 27.19 -18.97 -2.56
CA LEU A 234 26.65 -19.45 -3.81
C LEU A 234 27.40 -20.65 -4.34
N TRP A 235 26.75 -21.81 -4.28
CA TRP A 235 27.35 -23.00 -4.83
C TRP A 235 26.81 -23.02 -6.25
N PRO A 236 27.34 -23.89 -7.10
CA PRO A 236 26.86 -23.94 -8.49
C PRO A 236 25.44 -24.46 -8.68
N THR A 237 25.00 -25.25 -7.72
CA THR A 237 23.69 -25.90 -7.75
C THR A 237 22.62 -25.26 -6.84
N LYS A 238 23.07 -24.72 -5.72
CA LYS A 238 22.17 -24.13 -4.74
C LYS A 238 22.83 -22.98 -4.00
N TRP A 239 22.02 -22.18 -3.32
CA TRP A 239 22.55 -21.05 -2.55
C TRP A 239 22.27 -21.36 -1.08
N LYS A 240 22.91 -20.62 -0.19
CA LYS A 240 22.74 -20.85 1.23
C LYS A 240 22.99 -19.58 2.01
N LEU A 241 22.06 -19.23 2.90
CA LEU A 241 22.24 -18.04 3.73
C LEU A 241 22.89 -18.50 5.02
N GLN A 242 24.13 -18.06 5.23
CA GLN A 242 24.91 -18.39 6.42
C GLN A 242 24.31 -17.78 7.68
N LYS A 243 24.63 -18.37 8.84
CA LYS A 243 24.15 -17.81 10.10
C LYS A 243 24.87 -16.48 10.25
N ILE A 244 24.13 -15.42 10.57
CA ILE A 244 24.74 -14.09 10.76
C ILE A 244 25.25 -13.97 12.20
N GLN A 245 26.55 -13.81 12.39
CA GLN A 245 27.09 -13.67 13.74
C GLN A 245 27.15 -12.21 14.16
N LEU A 246 26.68 -11.94 15.37
CA LEU A 246 26.69 -10.57 15.88
C LEU A 246 27.78 -10.42 16.94
N PRO A 247 28.53 -9.30 16.89
CA PRO A 247 29.61 -9.01 17.84
C PRO A 247 29.17 -9.24 19.28
N GLN A 248 30.07 -9.74 20.12
CA GLN A 248 29.72 -9.96 21.52
C GLN A 248 30.81 -9.34 22.39
N LYS A 249 30.86 -8.01 22.41
CA LYS A 249 31.85 -7.26 23.17
C LYS A 249 31.61 -7.18 24.67
N GLU A 250 32.69 -6.84 25.37
CA GLU A 250 32.68 -6.71 26.82
C GLU A 250 32.04 -5.37 27.18
N ILE A 251 32.68 -4.28 26.71
CA ILE A 251 32.16 -2.95 26.93
C ILE A 251 31.80 -2.36 25.55
N TRP A 252 30.55 -1.94 25.42
CA TRP A 252 30.02 -1.39 24.18
C TRP A 252 30.09 0.14 24.10
N THR A 253 30.87 0.64 23.14
CA THR A 253 31.00 2.08 22.93
C THR A 253 29.90 2.53 21.98
N VAL A 254 29.72 3.84 21.84
CA VAL A 254 28.70 4.36 20.93
C VAL A 254 29.02 3.84 19.52
N ASN A 255 30.29 3.87 19.13
CA ASN A 255 30.66 3.39 17.81
C ASN A 255 30.30 1.91 17.62
N ASP A 256 30.45 1.11 18.67
CA ASP A 256 30.12 -0.31 18.54
C ASP A 256 28.65 -0.52 18.26
N ILE A 257 27.79 0.26 18.93
CA ILE A 257 26.34 0.16 18.76
C ILE A 257 25.93 0.59 17.36
N GLN A 258 26.67 1.56 16.83
CA GLN A 258 26.40 2.09 15.50
C GLN A 258 26.61 1.02 14.46
N LYS A 259 27.79 0.40 14.50
CA LYS A 259 28.12 -0.63 13.55
C LYS A 259 27.14 -1.80 13.70
N LEU A 260 26.80 -2.13 14.94
CA LEU A 260 25.86 -3.22 15.21
C LEU A 260 24.54 -2.94 14.55
N VAL A 261 24.04 -1.72 14.73
CA VAL A 261 22.77 -1.35 14.14
C VAL A 261 22.88 -1.36 12.62
N GLY A 262 24.08 -1.14 12.11
CA GLY A 262 24.26 -1.15 10.67
C GLY A 262 23.99 -2.54 10.12
N VAL A 263 24.63 -3.53 10.76
CA VAL A 263 24.46 -4.93 10.37
C VAL A 263 23.00 -5.36 10.50
N LEU A 264 22.39 -4.98 11.61
CA LEU A 264 21.01 -5.33 11.87
C LEU A 264 20.10 -4.73 10.81
N ASN A 265 20.47 -3.56 10.27
CA ASN A 265 19.66 -2.90 9.25
C ASN A 265 19.61 -3.77 7.99
N TRP A 266 20.75 -4.35 7.64
CA TRP A 266 20.86 -5.21 6.50
C TRP A 266 20.13 -6.53 6.80
N ALA A 267 20.54 -7.17 7.89
CA ALA A 267 19.96 -8.43 8.32
C ALA A 267 18.43 -8.45 8.42
N ALA A 268 17.84 -7.31 8.77
CA ALA A 268 16.39 -7.22 8.92
C ALA A 268 15.63 -7.32 7.60
N GLN A 269 16.40 -7.36 6.51
CA GLN A 269 15.80 -7.49 5.20
C GLN A 269 15.80 -8.97 4.86
N LEU A 270 16.64 -9.73 5.56
CA LEU A 270 16.73 -11.18 5.35
C LEU A 270 15.90 -11.96 6.34
N TYR A 271 15.50 -11.32 7.43
CA TYR A 271 14.71 -11.99 8.46
C TYR A 271 13.69 -11.08 9.10
N PRO A 272 12.55 -11.65 9.51
CA PRO A 272 11.50 -10.84 10.16
C PRO A 272 11.78 -10.78 11.67
N GLY A 273 11.21 -9.81 12.35
CA GLY A 273 11.37 -9.69 13.79
C GLY A 273 12.62 -8.97 14.28
N ILE A 274 13.43 -8.46 13.36
CA ILE A 274 14.64 -7.73 13.74
C ILE A 274 14.28 -6.32 14.19
N LYS A 275 14.59 -6.00 15.44
CA LYS A 275 14.31 -4.69 16.01
C LYS A 275 15.60 -3.95 16.35
N THR A 276 15.62 -2.64 16.12
CA THR A 276 16.80 -1.85 16.45
C THR A 276 16.47 -0.61 17.29
N LYS A 277 15.20 -0.50 17.70
CA LYS A 277 14.71 0.63 18.50
C LYS A 277 15.44 0.93 19.79
N HIS A 278 15.24 0.08 20.79
CA HIS A 278 15.85 0.26 22.09
C HIS A 278 17.38 0.25 22.05
N LEU A 279 17.92 -0.31 20.97
CA LEU A 279 19.37 -0.38 20.76
C LEU A 279 19.89 0.99 20.37
N CYS A 280 19.08 1.73 19.62
CA CYS A 280 19.47 3.06 19.21
C CYS A 280 19.31 4.06 20.33
N ARG A 281 18.25 3.92 21.11
CA ARG A 281 18.02 4.81 22.24
C ARG A 281 19.20 4.81 23.22
N LEU A 282 20.13 3.89 23.02
CA LEU A 282 21.32 3.78 23.90
C LEU A 282 22.36 4.84 23.55
N ILE A 283 22.38 5.23 22.28
CA ILE A 283 23.30 6.26 21.82
C ILE A 283 22.48 7.52 21.54
N SER A 284 21.91 8.08 22.60
CA SER A 284 21.08 9.28 22.50
C SER A 284 21.92 10.52 22.21
N GLY A 285 22.42 10.58 20.98
CA GLY A 285 23.20 11.72 20.52
C GLY A 285 24.48 12.03 21.25
N LYS A 286 24.75 13.33 21.36
CA LYS A 286 25.94 13.85 21.99
C LYS A 286 26.41 13.14 23.26
N MET A 287 27.34 12.23 22.99
CA MET A 287 28.03 11.37 23.93
C MET A 287 29.28 11.15 23.08
N THR A 288 30.45 10.99 23.68
CA THR A 288 31.65 10.76 22.87
C THR A 288 31.53 9.45 22.10
N LEU A 289 32.13 9.38 20.93
CA LEU A 289 32.09 8.19 20.11
C LEU A 289 32.76 7.01 20.79
N THR A 290 33.51 7.29 21.84
CA THR A 290 34.21 6.26 22.60
C THR A 290 33.49 5.94 23.92
N GLU A 291 32.62 6.84 24.34
CA GLU A 291 31.84 6.71 25.58
C GLU A 291 31.15 5.35 25.73
N GLU A 292 31.27 4.73 26.91
CA GLU A 292 30.64 3.43 27.19
C GLU A 292 29.14 3.62 27.24
N VAL A 293 28.40 2.71 26.60
CA VAL A 293 26.94 2.82 26.59
C VAL A 293 26.35 2.31 27.91
N GLN A 294 25.17 2.80 28.24
CA GLN A 294 24.46 2.42 29.45
C GLN A 294 23.36 1.45 29.03
N TRP A 295 23.66 0.16 29.15
CA TRP A 295 22.72 -0.88 28.78
C TRP A 295 21.38 -0.84 29.48
N THR A 296 20.35 -0.89 28.65
CA THR A 296 18.99 -0.85 29.12
C THR A 296 18.48 -2.30 29.04
N GLU A 297 17.47 -2.62 29.84
CA GLU A 297 16.92 -3.97 29.85
C GLU A 297 16.28 -4.32 28.54
N LEU A 298 15.56 -3.37 27.96
CA LEU A 298 14.88 -3.59 26.68
C LEU A 298 15.85 -3.65 25.51
N ALA A 299 16.98 -2.95 25.64
CA ALA A 299 18.00 -2.96 24.61
C ALA A 299 18.65 -4.32 24.65
N GLU A 300 18.92 -4.78 25.87
CA GLU A 300 19.53 -6.07 26.17
C GLU A 300 18.65 -7.17 25.54
N ALA A 301 17.35 -7.09 25.81
CA ALA A 301 16.39 -8.04 25.30
C ALA A 301 16.31 -8.06 23.78
N GLU A 302 16.48 -6.89 23.18
CA GLU A 302 16.40 -6.74 21.73
C GLU A 302 17.54 -7.43 21.00
N LEU A 303 18.75 -7.25 21.53
CA LEU A 303 19.93 -7.88 20.96
C LEU A 303 19.83 -9.40 21.11
N GLU A 304 19.35 -9.85 22.28
CA GLU A 304 19.21 -11.27 22.53
C GLU A 304 18.25 -11.92 21.54
N GLU A 305 17.11 -11.27 21.30
CA GLU A 305 16.14 -11.82 20.36
C GLU A 305 16.71 -11.78 18.94
N ASN A 306 17.49 -10.75 18.65
CA ASN A 306 18.11 -10.63 17.35
C ASN A 306 19.11 -11.77 17.15
N ARG A 307 19.94 -12.05 18.15
CA ARG A 307 20.91 -13.14 18.02
C ARG A 307 20.20 -14.45 17.74
N ILE A 308 19.08 -14.70 18.42
CA ILE A 308 18.33 -15.92 18.21
C ILE A 308 17.88 -15.99 16.75
N ILE A 309 17.11 -14.99 16.35
CA ILE A 309 16.58 -14.91 14.99
C ILE A 309 17.59 -15.18 13.89
N LEU A 310 18.76 -14.55 13.99
CA LEU A 310 19.82 -14.67 12.98
C LEU A 310 20.65 -15.94 13.06
N SER A 311 20.51 -16.67 14.17
CA SER A 311 21.25 -17.91 14.38
C SER A 311 20.59 -19.03 13.56
N GLN A 312 19.91 -18.64 12.50
CA GLN A 312 19.25 -19.57 11.62
C GLN A 312 20.05 -19.74 10.35
N GLU A 313 19.42 -20.33 9.35
CA GLU A 313 20.11 -20.58 8.09
C GLU A 313 19.05 -20.95 7.05
N GLN A 314 19.28 -20.59 5.80
CA GLN A 314 18.31 -20.93 4.76
C GLN A 314 19.04 -21.41 3.51
N GLU A 315 18.32 -22.02 2.61
CA GLU A 315 18.91 -22.46 1.38
C GLU A 315 17.86 -22.68 0.31
N GLY A 316 18.32 -22.87 -0.92
CA GLY A 316 17.41 -23.08 -2.02
C GLY A 316 18.19 -23.18 -3.31
N HIS A 317 17.47 -23.15 -4.42
CA HIS A 317 18.03 -23.25 -5.77
C HIS A 317 17.86 -21.96 -6.56
N TYR A 318 18.38 -21.96 -7.79
CA TYR A 318 18.30 -20.79 -8.65
C TYR A 318 17.13 -20.84 -9.64
N TYR A 319 16.81 -19.66 -10.16
CA TYR A 319 15.69 -19.45 -11.05
C TYR A 319 15.88 -19.81 -12.52
N GLN A 320 14.84 -20.39 -13.11
CA GLN A 320 14.83 -20.74 -14.52
C GLN A 320 13.60 -20.04 -15.13
N GLU A 321 13.81 -18.80 -15.56
CA GLU A 321 12.75 -17.97 -16.13
C GLU A 321 11.87 -18.60 -17.21
N GLU A 322 12.37 -19.63 -17.89
CA GLU A 322 11.56 -20.25 -18.93
C GLU A 322 10.50 -21.13 -18.31
N LYS A 323 10.86 -21.79 -17.20
CA LYS A 323 9.95 -22.69 -16.50
C LYS A 323 8.91 -21.94 -15.70
N GLU A 324 7.90 -22.65 -15.25
CA GLU A 324 6.85 -22.03 -14.47
C GLU A 324 7.27 -21.69 -13.04
N LEU A 325 6.61 -20.69 -12.48
CA LEU A 325 6.85 -20.25 -11.12
C LEU A 325 5.58 -20.62 -10.33
N GLU A 326 5.74 -21.47 -9.32
CA GLU A 326 4.61 -21.94 -8.51
C GLU A 326 4.76 -21.62 -7.04
N ALA A 327 3.62 -21.59 -6.33
CA ALA A 327 3.59 -21.33 -4.89
C ALA A 327 2.62 -22.31 -4.26
N THR A 328 3.15 -23.12 -3.36
CA THR A 328 2.34 -24.10 -2.67
C THR A 328 2.27 -23.77 -1.20
N VAL A 329 1.04 -23.66 -0.70
CA VAL A 329 0.81 -23.34 0.69
C VAL A 329 0.26 -24.52 1.49
N GLN A 330 0.65 -24.58 2.75
CA GLN A 330 0.22 -25.64 3.65
C GLN A 330 0.05 -25.08 5.06
N LYS A 331 -1.09 -25.35 5.69
CA LYS A 331 -1.27 -24.87 7.07
C LYS A 331 -0.63 -25.95 7.94
N ASP A 332 0.15 -25.57 8.93
CA ASP A 332 0.78 -26.58 9.76
C ASP A 332 0.11 -26.88 11.10
N GLN A 333 0.59 -26.25 12.17
CA GLN A 333 0.03 -26.48 13.48
C GLN A 333 -1.28 -25.75 13.73
N ASP A 334 -1.19 -24.49 14.17
CA ASP A 334 -2.40 -23.74 14.47
C ASP A 334 -2.47 -22.37 13.78
N ASN A 335 -1.41 -21.58 13.91
CA ASN A 335 -1.35 -20.25 13.29
C ASN A 335 -0.20 -20.33 12.30
N GLN A 336 0.32 -21.54 12.16
CA GLN A 336 1.46 -21.77 11.30
C GLN A 336 1.17 -22.12 9.86
N TRP A 337 1.48 -21.19 8.99
CA TRP A 337 1.31 -21.42 7.56
C TRP A 337 2.69 -21.38 6.96
N THR A 338 2.99 -22.32 6.07
CA THR A 338 4.28 -22.33 5.41
C THR A 338 4.03 -22.45 3.93
N TYR A 339 5.01 -22.01 3.14
CA TYR A 339 4.89 -22.11 1.70
C TYR A 339 6.24 -22.43 1.09
N LYS A 340 6.20 -22.73 -0.20
CA LYS A 340 7.40 -23.01 -0.93
C LYS A 340 7.19 -22.51 -2.36
N ILE A 341 8.15 -21.71 -2.82
CA ILE A 341 8.12 -21.19 -4.17
C ILE A 341 8.95 -22.21 -4.91
N HIS A 342 8.41 -22.75 -5.99
CA HIS A 342 9.12 -23.77 -6.74
C HIS A 342 8.80 -23.75 -8.22
N GLN A 343 9.59 -24.50 -8.98
CA GLN A 343 9.39 -24.66 -10.41
C GLN A 343 9.46 -26.18 -10.59
N GLU A 344 8.30 -26.81 -10.81
CA GLU A 344 8.25 -28.27 -10.90
C GLU A 344 8.62 -28.74 -9.49
N GLU A 345 9.54 -29.69 -9.41
CA GLU A 345 9.97 -30.23 -8.12
C GLU A 345 11.13 -29.44 -7.54
N LYS A 346 11.65 -28.47 -8.28
CA LYS A 346 12.79 -27.68 -7.80
C LYS A 346 12.29 -26.52 -6.94
N ILE A 347 12.71 -26.51 -5.68
CA ILE A 347 12.31 -25.48 -4.74
C ILE A 347 13.27 -24.29 -4.75
N LEU A 348 12.75 -23.10 -4.99
CA LEU A 348 13.59 -21.91 -5.03
C LEU A 348 13.79 -21.37 -3.61
N LYS A 349 12.69 -21.24 -2.88
CA LYS A 349 12.79 -20.77 -1.49
C LYS A 349 11.55 -21.11 -0.68
N VAL A 350 11.74 -21.31 0.61
CA VAL A 350 10.65 -21.65 1.50
C VAL A 350 10.33 -20.44 2.35
N GLY A 351 9.09 -20.38 2.84
CA GLY A 351 8.69 -19.27 3.67
C GLY A 351 7.71 -19.63 4.75
N LYS A 352 7.45 -18.67 5.62
CA LYS A 352 6.55 -18.86 6.75
C LYS A 352 5.63 -17.64 6.95
N TYR A 353 4.59 -17.84 7.76
CA TYR A 353 3.63 -16.78 8.07
C TYR A 353 2.80 -17.30 9.24
N ALA A 354 2.77 -16.53 10.33
CA ALA A 354 2.00 -16.92 11.50
C ALA A 354 1.35 -15.67 12.09
N LYS A 355 1.56 -14.54 11.43
CA LYS A 355 1.03 -13.25 11.85
C LYS A 355 -0.37 -13.31 12.50
N VAL A 356 -0.59 -12.45 13.49
CA VAL A 356 -1.87 -12.36 14.20
C VAL A 356 -2.57 -11.05 13.86
N THR A 359 -7.80 -10.85 15.69
CA THR A 359 -8.43 -11.29 16.94
C THR A 359 -9.37 -12.45 16.69
N HIS A 360 -10.12 -12.37 15.59
CA HIS A 360 -11.07 -13.42 15.22
C HIS A 360 -11.34 -13.50 13.73
N THR A 361 -10.64 -14.41 13.06
CA THR A 361 -10.80 -14.62 11.62
C THR A 361 -11.08 -16.08 11.42
N ASN A 362 -10.80 -16.55 10.22
CA ASN A 362 -10.95 -17.95 9.89
C ASN A 362 -9.84 -18.34 8.90
N GLY A 363 -9.72 -19.63 8.65
CA GLY A 363 -8.70 -20.11 7.75
C GLY A 363 -8.71 -19.49 6.36
N ILE A 364 -9.90 -19.23 5.83
CA ILE A 364 -9.98 -18.64 4.50
C ILE A 364 -9.43 -17.23 4.49
N ARG A 365 -9.65 -16.48 5.56
CA ARG A 365 -9.15 -15.11 5.60
C ARG A 365 -7.63 -15.10 5.78
N LEU A 366 -7.13 -16.02 6.60
CA LEU A 366 -5.69 -16.11 6.86
C LEU A 366 -4.96 -16.60 5.61
N LEU A 367 -5.55 -17.57 4.93
CA LEU A 367 -4.99 -18.13 3.71
C LEU A 367 -4.74 -17.00 2.72
N ALA A 368 -5.72 -16.10 2.61
CA ALA A 368 -5.65 -14.95 1.70
C ALA A 368 -4.50 -14.02 2.08
N GLN A 369 -4.23 -13.91 3.37
CA GLN A 369 -3.15 -13.06 3.83
C GLN A 369 -1.81 -13.68 3.42
N VAL A 370 -1.73 -15.01 3.49
CA VAL A 370 -0.53 -15.73 3.09
C VAL A 370 -0.33 -15.48 1.59
N VAL A 371 -1.38 -15.70 0.82
CA VAL A 371 -1.31 -15.46 -0.61
C VAL A 371 -0.82 -14.04 -0.93
N GLN A 372 -1.28 -13.05 -0.18
CA GLN A 372 -0.84 -11.67 -0.40
C GLN A 372 0.66 -11.53 -0.12
N LYS A 373 1.13 -12.11 0.99
CA LYS A 373 2.53 -12.02 1.39
C LYS A 373 3.44 -12.61 0.31
N ILE A 374 3.08 -13.80 -0.15
CA ILE A 374 3.84 -14.52 -1.17
C ILE A 374 3.82 -13.75 -2.49
N GLY A 375 2.65 -13.23 -2.83
CA GLY A 375 2.50 -12.48 -4.07
C GLY A 375 3.43 -11.28 -4.06
N LYS A 376 3.41 -10.51 -2.97
CA LYS A 376 4.27 -9.35 -2.86
C LYS A 376 5.74 -9.74 -2.98
N GLU A 377 6.14 -10.79 -2.27
CA GLU A 377 7.51 -11.25 -2.30
C GLU A 377 7.93 -11.69 -3.70
N ALA A 378 7.03 -12.35 -4.42
CA ALA A 378 7.35 -12.83 -5.76
C ALA A 378 7.48 -11.72 -6.78
N LEU A 379 6.75 -10.63 -6.59
CA LEU A 379 6.83 -9.52 -7.53
C LEU A 379 8.22 -8.92 -7.40
N VAL A 380 8.70 -8.87 -6.15
CA VAL A 380 10.01 -8.30 -5.84
C VAL A 380 11.17 -9.12 -6.36
N ILE A 381 11.12 -10.43 -6.15
CA ILE A 381 12.21 -11.32 -6.55
C ILE A 381 12.18 -11.79 -8.00
N TRP A 382 11.02 -12.17 -8.50
CA TRP A 382 10.95 -12.68 -9.87
C TRP A 382 10.24 -11.80 -10.88
N GLY A 383 9.69 -10.69 -10.44
CA GLY A 383 8.99 -9.82 -11.36
C GLY A 383 7.76 -10.49 -11.93
N ARG A 384 7.33 -11.59 -11.33
CA ARG A 384 6.11 -12.24 -11.78
C ARG A 384 5.32 -12.94 -10.70
N ILE A 385 4.04 -13.11 -10.98
CA ILE A 385 3.12 -13.72 -10.04
C ILE A 385 3.09 -15.23 -10.27
N PRO A 386 3.30 -16.01 -9.21
CA PRO A 386 3.30 -17.48 -9.33
C PRO A 386 1.90 -18.08 -9.44
N LYS A 387 1.87 -19.37 -9.79
CA LYS A 387 0.61 -20.10 -9.89
C LYS A 387 0.45 -20.66 -8.48
N PHE A 388 -0.69 -20.42 -7.84
CA PHE A 388 -0.88 -20.91 -6.49
C PHE A 388 -1.58 -22.25 -6.41
N HIS A 389 -1.14 -23.06 -5.44
CA HIS A 389 -1.71 -24.37 -5.16
C HIS A 389 -2.07 -24.25 -3.69
N LEU A 390 -3.37 -24.17 -3.45
CA LEU A 390 -3.91 -23.93 -2.10
C LEU A 390 -4.68 -25.10 -1.51
N PRO A 391 -4.59 -25.28 -0.17
CA PRO A 391 -5.29 -26.35 0.56
C PRO A 391 -6.73 -25.92 0.86
N VAL A 392 -7.52 -25.64 -0.17
CA VAL A 392 -8.91 -25.21 0.01
C VAL A 392 -9.65 -25.50 -1.28
N GLU A 393 -10.86 -26.05 -1.17
CA GLU A 393 -11.64 -26.38 -2.34
C GLU A 393 -12.22 -25.14 -2.96
N ARG A 394 -12.24 -25.14 -4.29
CA ARG A 394 -12.74 -24.01 -5.04
C ARG A 394 -14.15 -23.54 -4.67
N GLU A 395 -15.11 -24.46 -4.56
CA GLU A 395 -16.51 -24.09 -4.22
C GLU A 395 -16.59 -23.38 -2.88
N ILE A 396 -15.77 -23.84 -1.95
CA ILE A 396 -15.70 -23.30 -0.61
C ILE A 396 -15.10 -21.91 -0.63
N TRP A 397 -13.98 -21.79 -1.32
CA TRP A 397 -13.29 -20.52 -1.45
C TRP A 397 -14.18 -19.46 -2.10
N GLU A 398 -14.62 -19.77 -3.32
CA GLU A 398 -15.45 -18.86 -4.09
C GLU A 398 -16.72 -18.50 -3.36
N GLN A 399 -17.35 -19.49 -2.75
CA GLN A 399 -18.59 -19.21 -2.04
C GLN A 399 -18.35 -18.19 -0.94
N TRP A 400 -17.32 -18.40 -0.13
CA TRP A 400 -17.05 -17.46 0.95
C TRP A 400 -16.76 -16.03 0.47
N TRP A 401 -15.83 -15.87 -0.46
CA TRP A 401 -15.51 -14.52 -0.91
C TRP A 401 -16.67 -13.89 -1.66
N ASP A 402 -17.51 -14.72 -2.27
CA ASP A 402 -18.66 -14.23 -3.01
C ASP A 402 -19.65 -13.51 -2.10
N ASN A 403 -19.76 -13.99 -0.86
CA ASN A 403 -20.68 -13.45 0.12
C ASN A 403 -20.06 -12.41 1.01
N TYR A 404 -18.75 -12.48 1.20
CA TYR A 404 -18.07 -11.55 2.09
C TYR A 404 -18.12 -10.11 1.56
N TRP A 405 -18.16 -9.17 2.51
CA TRP A 405 -18.23 -7.75 2.20
C TRP A 405 -16.92 -7.17 1.71
N GLN A 406 -15.81 -7.75 2.17
CA GLN A 406 -14.49 -7.27 1.79
C GLN A 406 -13.90 -8.03 0.61
N VAL A 407 -13.20 -7.28 -0.24
CA VAL A 407 -12.58 -7.86 -1.42
C VAL A 407 -11.12 -8.21 -1.07
N THR A 408 -10.55 -9.16 -1.79
CA THR A 408 -9.15 -9.54 -1.56
C THR A 408 -8.49 -9.92 -2.88
N TRP A 409 -7.19 -10.06 -2.88
CA TRP A 409 -6.47 -10.41 -4.10
C TRP A 409 -6.22 -11.91 -4.25
N ILE A 410 -6.61 -12.44 -5.41
CA ILE A 410 -6.39 -13.86 -5.73
C ILE A 410 -6.16 -14.08 -7.22
N PRO A 411 -4.91 -14.40 -7.61
CA PRO A 411 -4.60 -14.64 -9.03
C PRO A 411 -5.02 -16.09 -9.35
N ASP A 412 -4.80 -16.57 -10.57
CA ASP A 412 -5.21 -17.94 -10.85
C ASP A 412 -4.56 -18.93 -9.88
N TRP A 413 -5.34 -19.93 -9.44
CA TRP A 413 -4.84 -20.92 -8.50
C TRP A 413 -5.47 -22.28 -8.66
N ASP A 414 -4.92 -23.25 -7.92
CA ASP A 414 -5.36 -24.63 -7.94
C ASP A 414 -5.56 -25.16 -6.53
N PHE A 415 -6.46 -26.12 -6.41
CA PHE A 415 -6.69 -26.77 -5.14
C PHE A 415 -5.69 -27.93 -5.07
N VAL A 416 -5.10 -28.16 -3.91
CA VAL A 416 -4.18 -29.27 -3.72
C VAL A 416 -4.50 -29.92 -2.37
N SER A 417 -4.71 -31.24 -2.38
CA SER A 417 -5.03 -32.00 -1.16
C SER A 417 -3.87 -32.09 -0.18
N THR A 418 -3.52 -30.94 0.38
CA THR A 418 -2.43 -30.85 1.36
C THR A 418 -3.09 -30.76 2.72
N PRO A 419 -3.53 -31.90 3.26
CA PRO A 419 -4.17 -31.90 4.57
C PRO A 419 -3.32 -31.17 5.60
N PRO A 420 -3.96 -30.44 6.51
CA PRO A 420 -5.42 -30.30 6.56
C PRO A 420 -5.97 -29.20 5.62
N LEU A 421 -7.14 -29.45 5.04
CA LEU A 421 -7.76 -28.46 4.16
C LEU A 421 -8.45 -27.35 4.94
N VAL A 422 -8.58 -26.19 4.31
CA VAL A 422 -9.26 -25.09 4.95
C VAL A 422 -10.70 -25.34 4.59
N ARG A 423 -11.54 -25.41 5.60
CA ARG A 423 -12.96 -25.61 5.39
C ARG A 423 -13.71 -24.73 6.36
N LEU A 424 -14.81 -24.15 5.88
CA LEU A 424 -15.63 -23.29 6.70
C LEU A 424 -16.93 -24.03 6.69
N ALA A 425 -17.54 -24.14 7.85
CA ALA A 425 -18.78 -24.88 7.94
C ALA A 425 -19.88 -24.07 8.56
N PHE A 426 -20.31 -23.01 7.90
CA PHE A 426 -21.37 -22.28 8.54
C PHE A 426 -22.74 -22.32 7.91
N ASN A 427 -23.63 -22.64 8.84
CA ASN A 427 -25.04 -22.86 8.69
C ASN A 427 -25.86 -21.60 8.88
N LEU A 428 -25.29 -20.45 8.53
CA LEU A 428 -26.03 -19.21 8.67
C LEU A 428 -27.04 -19.16 7.50
N VAL A 429 -28.32 -18.99 7.82
CA VAL A 429 -29.34 -18.92 6.78
C VAL A 429 -29.88 -17.49 6.64
N GLY A 430 -30.40 -17.19 5.45
CA GLY A 430 -30.90 -15.86 5.17
C GLY A 430 -32.29 -15.51 5.63
N ASP A 431 -33.08 -16.51 6.01
CA ASP A 431 -34.44 -16.27 6.49
C ASP A 431 -34.77 -17.02 7.76
N PRO A 432 -35.72 -16.48 8.55
CA PRO A 432 -36.07 -17.17 9.78
C PRO A 432 -36.41 -18.64 9.53
N ILE A 433 -36.00 -19.51 10.45
CA ILE A 433 -36.24 -20.94 10.35
C ILE A 433 -37.63 -21.32 10.90
N PRO A 434 -38.54 -21.76 10.00
CA PRO A 434 -39.89 -22.15 10.39
C PRO A 434 -39.89 -23.15 11.54
N GLY A 435 -40.64 -22.81 12.58
CA GLY A 435 -40.74 -23.69 13.73
C GLY A 435 -39.63 -23.54 14.76
N ALA A 436 -38.47 -23.04 14.34
CA ALA A 436 -37.35 -22.87 15.28
C ALA A 436 -37.65 -21.81 16.31
N GLU A 437 -37.19 -22.05 17.55
CA GLU A 437 -37.40 -21.10 18.62
C GLU A 437 -36.62 -19.80 18.34
N THR A 438 -37.22 -18.68 18.70
CA THR A 438 -36.57 -17.40 18.48
C THR A 438 -36.06 -16.81 19.79
N PHE A 439 -34.77 -16.52 19.85
CA PHE A 439 -34.15 -15.93 21.04
C PHE A 439 -33.82 -14.47 20.80
N TYR A 440 -34.18 -13.63 21.78
CA TYR A 440 -33.87 -12.21 21.72
C TYR A 440 -32.78 -12.05 22.75
N THR A 441 -31.64 -11.54 22.29
CA THR A 441 -30.41 -11.39 23.06
C THR A 441 -30.05 -9.97 23.45
N ASP A 442 -29.48 -9.80 24.64
CA ASP A 442 -29.02 -8.48 25.09
C ASP A 442 -28.11 -8.56 26.33
N GLY A 443 -27.22 -7.58 26.46
CA GLY A 443 -26.30 -7.51 27.58
C GLY A 443 -26.04 -6.08 28.02
N SER A 444 -26.04 -5.88 29.35
CA SER A 444 -25.80 -4.55 29.94
C SER A 444 -24.49 -4.52 30.70
N CYS A 445 -24.04 -3.32 31.03
CA CYS A 445 -22.81 -3.14 31.79
C CYS A 445 -22.82 -1.83 32.57
N ASN A 446 -22.50 -1.87 33.86
CA ASN A 446 -22.48 -0.64 34.64
C ASN A 446 -21.16 0.05 34.38
N ARG A 447 -21.23 1.23 33.79
CA ARG A 447 -20.05 2.01 33.43
C ARG A 447 -19.02 2.17 34.54
N GLN A 448 -19.49 2.34 35.78
CA GLN A 448 -18.58 2.54 36.91
C GLN A 448 -18.17 1.32 37.72
N SER A 449 -19.03 0.31 37.85
CA SER A 449 -18.68 -0.88 38.63
C SER A 449 -18.23 -2.06 37.77
N LYS A 450 -18.45 -1.95 36.46
CA LYS A 450 -18.10 -3.00 35.51
C LYS A 450 -18.90 -4.27 35.78
N GLU A 451 -20.08 -4.08 36.37
CA GLU A 451 -21.00 -5.16 36.68
C GLU A 451 -22.08 -5.10 35.60
N GLY A 452 -22.44 -6.24 35.04
CA GLY A 452 -23.46 -6.24 34.01
C GLY A 452 -24.29 -7.49 34.06
N LYS A 453 -25.12 -7.67 33.04
CA LYS A 453 -25.97 -8.84 32.93
C LYS A 453 -26.12 -9.20 31.47
N ALA A 454 -26.25 -10.49 31.20
CA ALA A 454 -26.42 -10.97 29.85
C ALA A 454 -27.59 -11.92 29.90
N GLY A 455 -28.52 -11.79 28.96
CA GLY A 455 -29.67 -12.67 28.96
C GLY A 455 -30.43 -12.77 27.67
N TYR A 456 -31.52 -13.52 27.72
CA TYR A 456 -32.36 -13.70 26.57
C TYR A 456 -33.78 -13.98 27.00
N VAL A 457 -34.68 -13.83 26.04
CA VAL A 457 -36.09 -14.03 26.22
C VAL A 457 -36.40 -14.77 24.92
N THR A 458 -37.32 -15.72 24.93
CA THR A 458 -37.63 -16.41 23.67
C THR A 458 -39.12 -16.37 23.38
N ASP A 459 -39.48 -16.65 22.13
CA ASP A 459 -40.88 -16.63 21.73
C ASP A 459 -41.60 -17.87 22.19
N ARG A 460 -40.90 -18.72 22.95
CA ARG A 460 -41.50 -19.93 23.46
C ARG A 460 -41.66 -19.79 24.98
N GLY A 461 -41.58 -18.55 25.44
CA GLY A 461 -41.75 -18.29 26.86
C GLY A 461 -40.53 -18.35 27.78
N LYS A 462 -39.42 -18.95 27.38
CA LYS A 462 -38.28 -19.00 28.29
C LYS A 462 -37.43 -17.74 28.34
N ASP A 463 -36.65 -17.64 29.42
CA ASP A 463 -35.77 -16.50 29.62
C ASP A 463 -34.76 -16.85 30.68
N LYS A 464 -33.62 -16.18 30.62
CA LYS A 464 -32.54 -16.45 31.54
C LYS A 464 -31.67 -15.20 31.61
N VAL A 465 -31.07 -14.97 32.77
CA VAL A 465 -30.20 -13.82 32.95
C VAL A 465 -28.98 -14.31 33.73
N LYS A 466 -27.84 -13.74 33.41
CA LYS A 466 -26.60 -14.12 34.06
C LYS A 466 -25.87 -12.85 34.47
N LYS A 467 -25.51 -12.78 35.75
CA LYS A 467 -24.79 -11.62 36.26
C LYS A 467 -23.33 -11.74 35.84
N LEU A 468 -22.77 -10.61 35.42
CA LEU A 468 -21.38 -10.57 34.99
C LEU A 468 -20.65 -9.54 35.83
N GLU A 469 -19.35 -9.74 35.99
CA GLU A 469 -18.52 -8.83 36.77
C GLU A 469 -17.32 -8.46 35.92
N GLN A 470 -16.83 -7.23 36.07
CA GLN A 470 -15.67 -6.78 35.31
C GLN A 470 -15.88 -7.07 33.80
N THR A 471 -17.09 -6.80 33.31
CA THR A 471 -17.44 -7.03 31.91
C THR A 471 -17.44 -5.71 31.12
N THR A 472 -18.02 -5.73 29.93
CA THR A 472 -18.14 -4.52 29.11
C THR A 472 -19.40 -4.69 28.29
N ASN A 473 -19.93 -3.58 27.78
CA ASN A 473 -21.13 -3.66 26.97
C ASN A 473 -20.97 -4.75 25.91
N GLN A 474 -19.92 -4.63 25.10
CA GLN A 474 -19.68 -5.60 24.05
C GLN A 474 -19.55 -7.01 24.58
N GLN A 475 -18.81 -7.18 25.66
CA GLN A 475 -18.63 -8.51 26.22
C GLN A 475 -19.95 -9.06 26.71
N ALA A 476 -20.74 -8.20 27.34
CA ALA A 476 -22.04 -8.63 27.85
C ALA A 476 -22.92 -9.04 26.67
N GLU A 477 -22.87 -8.25 25.60
CA GLU A 477 -23.63 -8.54 24.41
C GLU A 477 -23.28 -9.93 23.89
N LEU A 478 -21.97 -10.21 23.77
CA LEU A 478 -21.47 -11.51 23.29
C LEU A 478 -21.80 -12.68 24.21
N GLU A 479 -21.73 -12.43 25.51
CA GLU A 479 -22.04 -13.48 26.46
C GLU A 479 -23.51 -13.90 26.32
N ALA A 480 -24.35 -12.94 25.98
CA ALA A 480 -25.78 -13.20 25.81
C ALA A 480 -26.02 -14.05 24.57
N PHE A 481 -25.33 -13.73 23.48
CA PHE A 481 -25.47 -14.47 22.23
C PHE A 481 -25.07 -15.92 22.50
N ALA A 482 -23.97 -16.10 23.24
CA ALA A 482 -23.46 -17.41 23.61
C ALA A 482 -24.53 -18.20 24.37
N MET A 483 -25.13 -17.55 25.37
CA MET A 483 -26.19 -18.17 26.15
C MET A 483 -27.30 -18.68 25.23
N ALA A 484 -27.73 -17.86 24.27
CA ALA A 484 -28.79 -18.28 23.36
C ALA A 484 -28.39 -19.51 22.55
N LEU A 485 -27.18 -19.52 22.02
CA LEU A 485 -26.67 -20.66 21.24
C LEU A 485 -26.63 -21.93 22.09
N THR A 486 -26.16 -21.77 23.32
CA THR A 486 -26.03 -22.85 24.28
C THR A 486 -27.36 -23.49 24.72
N ASP A 487 -28.40 -22.68 24.87
CA ASP A 487 -29.65 -23.20 25.34
C ASP A 487 -30.69 -23.43 24.24
N SER A 488 -30.22 -23.59 23.01
CA SER A 488 -31.15 -23.79 21.90
C SER A 488 -30.92 -25.08 21.14
N GLY A 489 -31.95 -25.50 20.41
CA GLY A 489 -31.85 -26.72 19.64
C GLY A 489 -30.91 -26.59 18.46
N PRO A 490 -30.84 -27.61 17.59
CA PRO A 490 -29.97 -27.60 16.42
C PRO A 490 -30.36 -26.55 15.39
N LYS A 491 -31.55 -25.99 15.55
CA LYS A 491 -32.05 -24.96 14.65
C LYS A 491 -32.55 -23.81 15.53
N VAL A 492 -32.05 -22.61 15.27
CA VAL A 492 -32.43 -21.47 16.09
C VAL A 492 -32.36 -20.11 15.39
N ASN A 493 -33.28 -19.22 15.76
CA ASN A 493 -33.30 -17.86 15.23
C ASN A 493 -32.85 -17.01 16.41
N ILE A 494 -31.94 -16.07 16.18
CA ILE A 494 -31.49 -15.17 17.26
C ILE A 494 -31.52 -13.73 16.78
N ILE A 495 -32.18 -12.88 17.57
CA ILE A 495 -32.31 -11.47 17.24
C ILE A 495 -31.51 -10.67 18.25
N VAL A 496 -30.50 -9.96 17.76
CA VAL A 496 -29.64 -9.13 18.61
C VAL A 496 -29.86 -7.63 18.33
N ASP A 497 -29.32 -6.75 19.17
CA ASP A 497 -29.45 -5.31 18.91
C ASP A 497 -28.06 -4.65 18.88
N SER A 498 -27.05 -5.49 18.70
CA SER A 498 -25.65 -5.07 18.62
C SER A 498 -25.10 -5.33 17.22
N GLN A 499 -24.79 -4.28 16.48
CA GLN A 499 -24.24 -4.46 15.14
C GLN A 499 -22.87 -5.12 15.28
N TYR A 500 -22.24 -4.94 16.44
CA TYR A 500 -20.94 -5.53 16.76
C TYR A 500 -21.05 -7.06 16.69
N VAL A 501 -21.92 -7.61 17.53
CA VAL A 501 -22.16 -9.05 17.55
C VAL A 501 -22.53 -9.52 16.14
N MET A 502 -23.36 -8.73 15.47
CA MET A 502 -23.80 -9.04 14.11
C MET A 502 -22.61 -9.13 13.15
N GLY A 503 -21.71 -8.16 13.25
CA GLY A 503 -20.53 -8.17 12.38
C GLY A 503 -19.71 -9.42 12.64
N ILE A 504 -19.41 -9.69 13.91
CA ILE A 504 -18.63 -10.86 14.27
C ILE A 504 -19.21 -12.19 13.77
N VAL A 505 -20.52 -12.39 13.95
CA VAL A 505 -21.16 -13.61 13.48
C VAL A 505 -21.10 -13.74 11.95
N ALA A 506 -21.25 -12.60 11.28
CA ALA A 506 -21.21 -12.57 9.81
C ALA A 506 -19.85 -13.00 9.29
N SER A 507 -18.79 -12.60 9.98
CA SER A 507 -17.45 -12.96 9.56
C SER A 507 -17.15 -14.46 9.81
N GLN A 508 -18.17 -15.22 10.26
CA GLN A 508 -18.04 -16.66 10.52
C GLN A 508 -16.62 -17.04 10.97
N PRO A 509 -16.17 -16.57 12.15
CA PRO A 509 -14.83 -16.86 12.66
C PRO A 509 -14.64 -18.31 13.09
N THR A 510 -13.40 -18.80 12.99
CA THR A 510 -13.06 -20.16 13.39
C THR A 510 -11.91 -20.16 14.40
N GLU A 511 -11.31 -19.00 14.61
CA GLU A 511 -10.21 -18.88 15.56
C GLU A 511 -10.29 -17.52 16.24
N SER A 512 -10.01 -17.49 17.54
CA SER A 512 -10.02 -16.24 18.30
C SER A 512 -9.24 -16.36 19.60
N GLU A 513 -8.79 -15.21 20.09
CA GLU A 513 -8.04 -15.13 21.32
C GLU A 513 -9.01 -15.02 22.50
N SER A 514 -10.17 -14.43 22.23
CA SER A 514 -11.24 -14.23 23.22
C SER A 514 -11.91 -15.55 23.66
N LYS A 515 -12.12 -15.70 24.97
CA LYS A 515 -12.73 -16.93 25.49
C LYS A 515 -14.23 -17.08 25.16
N ILE A 516 -14.98 -15.98 25.22
CA ILE A 516 -16.42 -16.01 24.94
C ILE A 516 -16.65 -16.22 23.44
N VAL A 517 -15.85 -15.56 22.63
CA VAL A 517 -15.95 -15.69 21.18
C VAL A 517 -15.70 -17.13 20.80
N ASN A 518 -14.79 -17.77 21.53
CA ASN A 518 -14.46 -19.17 21.28
C ASN A 518 -15.62 -20.09 21.61
N GLN A 519 -16.39 -19.76 22.66
CA GLN A 519 -17.53 -20.59 23.01
C GLN A 519 -18.58 -20.45 21.93
N ILE A 520 -18.73 -19.21 21.46
CA ILE A 520 -19.70 -18.86 20.41
C ILE A 520 -19.40 -19.67 19.17
N ILE A 521 -18.12 -19.77 18.82
CA ILE A 521 -17.74 -20.53 17.65
C ILE A 521 -18.03 -22.01 17.90
N GLU A 522 -17.67 -22.50 19.08
CA GLU A 522 -17.88 -23.89 19.46
C GLU A 522 -19.34 -24.30 19.28
N GLU A 523 -20.23 -23.48 19.84
CA GLU A 523 -21.67 -23.72 19.77
C GLU A 523 -22.21 -23.59 18.35
N MET A 524 -21.78 -22.57 17.63
CA MET A 524 -22.25 -22.35 16.28
C MET A 524 -22.00 -23.52 15.32
N ILE A 525 -20.94 -24.28 15.54
CA ILE A 525 -20.63 -25.40 14.67
C ILE A 525 -21.59 -26.57 14.83
N LYS A 526 -22.17 -26.69 16.02
CA LYS A 526 -23.10 -27.78 16.32
C LYS A 526 -24.48 -27.58 15.70
N LYS A 527 -24.80 -26.33 15.39
CA LYS A 527 -26.10 -25.99 14.82
C LYS A 527 -26.28 -26.42 13.37
N GLU A 528 -27.50 -26.84 13.02
CA GLU A 528 -27.80 -27.24 11.65
C GLU A 528 -28.09 -25.99 10.85
N ALA A 529 -28.74 -25.02 11.50
CA ALA A 529 -29.08 -23.75 10.86
C ALA A 529 -29.25 -22.70 11.92
N ILE A 530 -28.77 -21.49 11.63
CA ILE A 530 -28.90 -20.39 12.56
C ILE A 530 -29.33 -19.20 11.76
N TYR A 531 -30.37 -18.52 12.22
CA TYR A 531 -30.77 -17.31 11.54
C TYR A 531 -30.44 -16.21 12.53
N VAL A 532 -29.67 -15.23 12.10
CA VAL A 532 -29.30 -14.13 12.99
C VAL A 532 -29.58 -12.77 12.34
N ALA A 533 -30.42 -11.96 13.01
CA ALA A 533 -30.76 -10.63 12.53
C ALA A 533 -30.61 -9.60 13.65
N TRP A 534 -30.61 -8.33 13.28
CA TRP A 534 -30.45 -7.24 14.23
C TRP A 534 -31.68 -6.33 14.23
N VAL A 535 -32.00 -5.74 15.37
CA VAL A 535 -33.09 -4.76 15.42
C VAL A 535 -32.53 -3.61 16.24
N PRO A 536 -32.99 -2.39 15.96
CA PRO A 536 -32.48 -1.25 16.73
C PRO A 536 -32.91 -1.42 18.20
N ALA A 537 -32.08 -0.98 19.14
CA ALA A 537 -32.42 -1.09 20.56
C ALA A 537 -33.25 0.13 20.99
N HIS A 538 -34.00 -0.02 22.10
CA HIS A 538 -34.80 1.10 22.64
C HIS A 538 -35.90 1.62 21.73
N LYS A 539 -36.57 0.74 21.01
CA LYS A 539 -37.64 1.17 20.12
C LYS A 539 -38.92 0.45 20.47
N GLY A 540 -38.90 -0.25 21.61
CA GLY A 540 -40.07 -0.99 22.04
C GLY A 540 -40.43 -2.14 21.11
N ILE A 541 -39.42 -2.71 20.47
CA ILE A 541 -39.67 -3.83 19.57
C ILE A 541 -39.90 -5.11 20.40
N GLY A 542 -40.97 -5.83 20.06
CA GLY A 542 -41.32 -7.04 20.78
C GLY A 542 -40.16 -8.01 20.90
N GLY A 543 -39.94 -8.51 22.11
CA GLY A 543 -38.85 -9.43 22.35
C GLY A 543 -37.61 -8.67 22.80
N ASN A 544 -37.16 -7.74 21.96
CA ASN A 544 -35.99 -6.95 22.29
C ASN A 544 -36.23 -6.09 23.53
N GLN A 545 -37.38 -5.43 23.58
CA GLN A 545 -37.71 -4.58 24.71
C GLN A 545 -37.69 -5.32 26.04
N GLU A 546 -38.17 -6.56 26.06
CA GLU A 546 -38.21 -7.34 27.31
C GLU A 546 -36.88 -7.90 27.80
N VAL A 547 -35.93 -8.16 26.89
CA VAL A 547 -34.61 -8.66 27.30
C VAL A 547 -33.80 -7.47 27.81
N ASP A 548 -34.00 -6.35 27.11
CA ASP A 548 -33.37 -5.07 27.39
C ASP A 548 -33.70 -4.71 28.84
N HIS A 549 -34.97 -4.81 29.18
CA HIS A 549 -35.41 -4.49 30.53
C HIS A 549 -34.90 -5.52 31.55
N LEU A 550 -34.90 -6.78 31.14
CA LEU A 550 -34.46 -7.88 32.00
C LEU A 550 -33.00 -7.79 32.42
N VAL A 551 -32.12 -7.50 31.46
CA VAL A 551 -30.69 -7.41 31.76
C VAL A 551 -30.27 -6.04 32.30
N SER A 552 -31.08 -5.02 32.08
CA SER A 552 -30.76 -3.68 32.55
C SER A 552 -31.17 -3.43 34.00
N GLN A 553 -32.05 -4.29 34.52
CA GLN A 553 -32.54 -4.16 35.88
C GLN A 553 -31.44 -4.25 36.95
N GLY A 554 -31.10 -3.12 37.56
CA GLY A 554 -30.08 -3.08 38.58
C GLY A 554 -28.67 -2.88 38.04
N ILE A 555 -28.57 -2.65 36.73
CA ILE A 555 -27.29 -2.45 36.07
C ILE A 555 -27.20 -1.05 35.45
N GLU B 1 8.52 31.79 -21.33
CA GLU B 1 9.18 31.34 -20.07
C GLU B 1 8.17 30.73 -19.07
N PRO B 2 8.61 29.73 -18.26
CA PRO B 2 7.79 29.05 -17.26
C PRO B 2 7.47 29.89 -16.02
N ILE B 3 6.26 29.77 -15.49
CA ILE B 3 5.90 30.55 -14.31
C ILE B 3 6.42 29.90 -13.03
N LYS B 4 6.70 30.72 -12.02
CA LYS B 4 7.19 30.24 -10.73
C LYS B 4 6.11 29.40 -10.03
N ILE B 5 6.49 28.23 -9.53
CA ILE B 5 5.57 27.35 -8.84
C ILE B 5 5.96 27.28 -7.36
N MET B 6 4.97 27.17 -6.48
CA MET B 6 5.24 27.12 -5.04
C MET B 6 4.62 25.94 -4.31
N LEU B 7 5.30 25.46 -3.28
CA LEU B 7 4.75 24.41 -2.44
C LEU B 7 4.01 25.20 -1.34
N LYS B 8 2.89 24.67 -0.85
CA LYS B 8 2.14 25.34 0.22
C LYS B 8 3.07 25.59 1.42
N PRO B 9 2.81 26.65 2.19
CA PRO B 9 3.67 26.95 3.34
C PRO B 9 3.84 25.78 4.32
N GLY B 10 5.08 25.53 4.72
CA GLY B 10 5.37 24.44 5.65
C GLY B 10 5.29 23.04 5.09
N LYS B 11 5.10 22.93 3.78
CA LYS B 11 5.00 21.64 3.11
C LYS B 11 6.25 21.40 2.29
N ASP B 12 6.67 20.14 2.22
CA ASP B 12 7.85 19.77 1.44
C ASP B 12 7.41 18.82 0.32
N GLY B 13 8.31 18.49 -0.61
CA GLY B 13 7.96 17.59 -1.69
C GLY B 13 7.69 16.16 -1.23
N PRO B 14 7.09 15.33 -2.11
CA PRO B 14 6.75 13.92 -1.84
C PRO B 14 7.98 13.10 -1.50
N LYS B 15 7.83 12.14 -0.62
CA LYS B 15 8.93 11.26 -0.27
C LYS B 15 8.31 9.90 -0.05
N LEU B 16 7.71 9.41 -1.13
CA LEU B 16 7.02 8.14 -1.13
C LEU B 16 7.84 7.02 -1.75
N ARG B 17 7.47 5.78 -1.43
CA ARG B 17 8.12 4.58 -1.89
C ARG B 17 7.61 4.15 -3.26
N GLN B 18 8.46 3.47 -4.01
CA GLN B 18 8.08 2.94 -5.30
C GLN B 18 7.66 1.51 -5.02
N TRP B 19 6.57 1.07 -5.62
CA TRP B 19 6.09 -0.28 -5.41
C TRP B 19 6.71 -1.25 -6.42
N PRO B 20 6.81 -2.53 -6.04
CA PRO B 20 7.39 -3.50 -6.97
C PRO B 20 6.43 -3.74 -8.14
N LEU B 21 6.98 -3.90 -9.35
CA LEU B 21 6.18 -4.14 -10.55
C LEU B 21 6.61 -5.41 -11.27
N THR B 22 5.80 -5.87 -12.23
CA THR B 22 6.20 -7.06 -12.99
C THR B 22 7.35 -6.68 -13.88
N LYS B 23 8.06 -7.70 -14.37
CA LYS B 23 9.20 -7.52 -15.26
C LYS B 23 8.77 -6.78 -16.54
N GLU B 24 7.63 -7.17 -17.10
CA GLU B 24 7.11 -6.56 -18.33
C GLU B 24 6.80 -5.10 -18.17
N LYS B 25 6.29 -4.70 -17.00
CA LYS B 25 5.95 -3.29 -16.75
C LYS B 25 7.20 -2.46 -16.58
N ILE B 26 8.21 -3.05 -15.93
CA ILE B 26 9.48 -2.38 -15.71
C ILE B 26 10.17 -2.10 -17.04
N GLU B 27 10.18 -3.10 -17.91
CA GLU B 27 10.79 -2.99 -19.24
C GLU B 27 10.09 -1.91 -20.05
N ALA B 28 8.76 -1.93 -20.04
CA ALA B 28 7.97 -0.94 -20.75
C ALA B 28 8.20 0.46 -20.20
N LEU B 29 8.36 0.56 -18.88
CA LEU B 29 8.56 1.85 -18.27
C LEU B 29 9.92 2.43 -18.61
N LYS B 30 10.95 1.59 -18.54
CA LYS B 30 12.30 2.03 -18.85
C LYS B 30 12.38 2.53 -20.30
N GLU B 31 11.67 1.87 -21.19
CA GLU B 31 11.65 2.24 -22.60
C GLU B 31 11.00 3.60 -22.79
N ILE B 32 9.85 3.78 -22.14
CA ILE B 32 9.09 5.03 -22.20
C ILE B 32 9.96 6.22 -21.74
N CYS B 33 10.58 6.06 -20.59
CA CYS B 33 11.43 7.11 -20.00
C CYS B 33 12.70 7.39 -20.79
N GLU B 34 13.22 6.37 -21.46
CA GLU B 34 14.43 6.52 -22.29
C GLU B 34 14.07 7.48 -23.43
N LYS B 35 12.94 7.22 -24.07
CA LYS B 35 12.48 8.06 -25.17
C LYS B 35 12.19 9.47 -24.66
N MET B 36 11.47 9.57 -23.56
CA MET B 36 11.12 10.86 -22.98
C MET B 36 12.36 11.67 -22.69
N GLU B 37 13.40 11.01 -22.18
CA GLU B 37 14.64 11.69 -21.88
C GLU B 37 15.26 12.14 -23.18
N LYS B 38 15.32 11.21 -24.15
CA LYS B 38 15.88 11.52 -25.46
C LYS B 38 15.14 12.71 -26.09
N GLU B 39 13.86 12.84 -25.77
CA GLU B 39 13.06 13.94 -26.28
C GLU B 39 13.13 15.20 -25.43
N GLY B 40 13.99 15.19 -24.42
CA GLY B 40 14.14 16.34 -23.55
C GLY B 40 13.00 16.62 -22.58
N GLN B 41 12.20 15.60 -22.27
CA GLN B 41 11.08 15.79 -21.36
C GLN B 41 11.43 15.36 -19.92
N LEU B 42 12.50 14.59 -19.78
CA LEU B 42 12.95 14.14 -18.48
C LEU B 42 14.45 14.25 -18.46
N GLU B 43 15.00 14.16 -17.25
CA GLU B 43 16.45 14.15 -17.10
C GLU B 43 16.68 13.37 -15.82
N GLU B 44 17.84 12.75 -15.71
CA GLU B 44 18.17 11.97 -14.54
C GLU B 44 18.19 12.84 -13.28
N ALA B 45 17.75 12.26 -12.16
CA ALA B 45 17.71 12.95 -10.87
C ALA B 45 18.98 12.66 -10.06
N PRO B 46 19.61 13.72 -9.51
CA PRO B 46 20.83 13.54 -8.73
C PRO B 46 20.60 12.86 -7.38
N PRO B 47 21.68 12.32 -6.78
CA PRO B 47 21.55 11.65 -5.50
C PRO B 47 21.17 12.64 -4.41
N THR B 48 21.31 13.92 -4.72
CA THR B 48 20.98 14.99 -3.80
C THR B 48 19.50 15.32 -3.81
N ASN B 49 18.75 14.71 -4.72
CA ASN B 49 17.31 14.93 -4.78
C ASN B 49 16.74 13.84 -3.89
N PRO B 50 16.08 14.20 -2.78
CA PRO B 50 15.49 13.26 -1.84
C PRO B 50 14.02 12.90 -2.02
N TYR B 51 13.35 13.53 -3.00
CA TYR B 51 11.93 13.29 -3.27
C TYR B 51 11.66 12.07 -4.10
N ASN B 52 10.41 11.63 -4.07
CA ASN B 52 10.01 10.49 -4.89
C ASN B 52 8.52 10.33 -4.87
N THR B 53 7.96 10.06 -6.04
CA THR B 53 6.53 9.82 -6.26
C THR B 53 6.38 8.42 -6.86
N PRO B 54 5.37 7.66 -6.45
CA PRO B 54 5.26 6.32 -7.04
C PRO B 54 4.82 6.26 -8.51
N THR B 55 5.46 5.38 -9.29
CA THR B 55 5.15 5.20 -10.71
C THR B 55 4.47 3.88 -10.93
N PHE B 56 3.62 3.83 -11.95
CA PHE B 56 2.86 2.63 -12.31
C PHE B 56 2.75 2.57 -13.81
N ALA B 57 2.24 1.44 -14.31
CA ALA B 57 2.05 1.26 -15.75
C ALA B 57 0.68 0.64 -15.99
N ILE B 58 -0.06 1.20 -16.94
CA ILE B 58 -1.37 0.65 -17.26
C ILE B 58 -1.39 0.29 -18.73
N LYS B 59 -2.33 -0.57 -19.13
CA LYS B 59 -2.43 -0.99 -20.52
C LYS B 59 -3.85 -0.76 -21.01
N ASN B 64 -1.27 -4.98 -26.69
CA ASN B 64 -1.31 -3.55 -26.41
C ASN B 64 0.00 -3.03 -25.80
N LYS B 65 0.29 -1.75 -26.07
CA LYS B 65 1.48 -1.10 -25.54
C LYS B 65 1.10 -0.39 -24.23
N TRP B 66 2.08 -0.19 -23.35
CA TRP B 66 1.84 0.44 -22.05
C TRP B 66 1.88 1.95 -21.98
N ARG B 67 1.26 2.52 -20.95
CA ARG B 67 1.28 3.95 -20.72
C ARG B 67 1.80 4.16 -19.30
N MET B 68 2.65 5.17 -19.09
CA MET B 68 3.15 5.42 -17.76
C MET B 68 2.17 6.23 -16.95
N LEU B 69 1.92 5.77 -15.73
CA LEU B 69 0.99 6.45 -14.84
C LEU B 69 1.71 6.83 -13.55
N ILE B 70 2.12 8.09 -13.43
CA ILE B 70 2.80 8.54 -12.22
C ILE B 70 1.74 9.08 -11.27
N ASP B 71 1.78 8.60 -10.04
CA ASP B 71 0.79 8.98 -9.03
C ASP B 71 1.17 10.24 -8.28
N PHE B 72 0.80 11.38 -8.83
CA PHE B 72 1.12 12.67 -8.23
C PHE B 72 0.09 13.22 -7.24
N ARG B 73 -0.65 12.35 -6.58
CA ARG B 73 -1.65 12.83 -5.64
C ARG B 73 -1.05 13.61 -4.49
N GLU B 74 0.06 13.11 -3.95
CA GLU B 74 0.71 13.78 -2.84
C GLU B 74 1.23 15.12 -3.29
N LEU B 75 1.95 15.15 -4.41
CA LEU B 75 2.47 16.40 -4.92
C LEU B 75 1.32 17.40 -5.17
N ASN B 76 0.17 16.90 -5.56
CA ASN B 76 -0.93 17.81 -5.82
C ASN B 76 -1.44 18.42 -4.51
N LYS B 77 -1.41 17.65 -3.42
CA LYS B 77 -1.87 18.15 -2.12
C LYS B 77 -0.95 19.26 -1.61
N VAL B 78 0.32 19.15 -1.95
CA VAL B 78 1.34 20.09 -1.51
C VAL B 78 1.60 21.26 -2.47
N THR B 79 1.00 21.21 -3.65
CA THR B 79 1.17 22.29 -4.61
C THR B 79 0.25 23.46 -4.27
N GLN B 80 0.79 24.67 -4.21
CA GLN B 80 -0.01 25.84 -3.91
C GLN B 80 -0.90 26.26 -5.10
N ASP B 81 -2.17 26.55 -4.82
CA ASP B 81 -3.15 26.98 -5.84
C ASP B 81 -3.67 25.85 -6.73
N PHE B 82 -4.07 26.23 -7.94
CA PHE B 82 -4.61 25.32 -8.95
C PHE B 82 -5.79 24.61 -8.33
N THR B 83 -6.39 25.26 -7.35
CA THR B 83 -7.54 24.71 -6.65
C THR B 83 -8.77 24.72 -7.56
N GLU B 84 -9.04 25.85 -8.18
CA GLU B 84 -10.16 26.00 -9.09
C GLU B 84 -9.94 25.21 -10.37
N ILE B 85 -9.80 23.89 -10.22
CA ILE B 85 -9.60 22.98 -11.34
C ILE B 85 -10.07 21.57 -10.95
N GLN B 86 -10.52 21.40 -9.70
CA GLN B 86 -10.99 20.11 -9.22
C GLN B 86 -12.12 20.27 -8.20
N PRO B 90 -15.63 24.66 -12.46
CA PRO B 90 -16.03 24.91 -13.84
C PRO B 90 -16.71 23.69 -14.48
N HIS B 91 -18.04 23.70 -14.55
CA HIS B 91 -18.77 22.58 -15.13
C HIS B 91 -20.17 22.90 -15.70
N PRO B 92 -20.42 22.53 -16.96
CA PRO B 92 -21.66 22.71 -17.73
C PRO B 92 -22.62 21.52 -17.54
N ALA B 93 -23.58 21.68 -16.65
CA ALA B 93 -24.56 20.61 -16.34
C ALA B 93 -25.28 19.94 -17.54
N GLY B 94 -25.08 20.48 -18.75
CA GLY B 94 -25.73 19.93 -19.95
C GLY B 94 -25.12 18.60 -20.35
N LEU B 95 -23.83 18.50 -20.09
CA LEU B 95 -23.00 17.33 -20.35
C LEU B 95 -23.71 15.99 -20.07
N ALA B 96 -24.28 15.86 -18.87
CA ALA B 96 -24.97 14.64 -18.48
C ALA B 96 -26.15 14.28 -19.38
N LYS B 97 -26.68 15.29 -20.07
CA LYS B 97 -27.83 15.13 -20.97
C LYS B 97 -27.41 14.71 -22.38
N LYS B 98 -26.14 14.87 -22.70
CA LYS B 98 -25.65 14.50 -24.03
C LYS B 98 -25.77 13.00 -24.25
N ARG B 99 -26.06 12.63 -25.49
CA ARG B 99 -26.25 11.24 -25.88
C ARG B 99 -24.97 10.40 -25.82
N ARG B 100 -23.87 11.04 -26.18
CA ARG B 100 -22.61 10.33 -26.23
C ARG B 100 -21.46 11.27 -25.88
N ILE B 101 -20.52 10.74 -25.11
CA ILE B 101 -19.34 11.50 -24.70
C ILE B 101 -18.09 10.68 -24.94
N THR B 102 -17.15 11.28 -25.64
CA THR B 102 -15.89 10.63 -25.94
C THR B 102 -14.80 11.26 -25.07
N VAL B 103 -14.11 10.45 -24.29
CA VAL B 103 -13.06 10.95 -23.41
C VAL B 103 -11.68 10.64 -23.94
N LEU B 104 -10.86 11.67 -24.13
CA LEU B 104 -9.51 11.42 -24.65
C LEU B 104 -8.44 11.81 -23.66
N ASP B 105 -7.37 11.03 -23.61
CA ASP B 105 -6.27 11.34 -22.73
C ASP B 105 -5.37 12.27 -23.53
N VAL B 106 -5.28 13.53 -23.11
CA VAL B 106 -4.43 14.50 -23.81
C VAL B 106 -3.11 14.88 -23.08
N GLY B 107 -2.68 14.03 -22.15
CA GLY B 107 -1.46 14.29 -21.39
C GLY B 107 -0.15 14.45 -22.15
N ASP B 108 -0.06 13.83 -23.33
CA ASP B 108 1.16 13.91 -24.15
C ASP B 108 1.39 15.30 -24.67
N ALA B 109 0.31 16.03 -24.85
CA ALA B 109 0.39 17.40 -25.33
C ALA B 109 1.17 18.30 -24.38
N TYR B 110 1.07 18.03 -23.08
CA TYR B 110 1.73 18.85 -22.06
C TYR B 110 3.24 18.99 -22.27
N PHE B 111 3.85 17.97 -22.87
CA PHE B 111 5.28 17.96 -23.06
C PHE B 111 5.90 19.05 -23.91
N SER B 112 5.07 19.93 -24.45
CA SER B 112 5.55 21.04 -25.28
C SER B 112 5.85 22.27 -24.43
N ILE B 113 5.38 22.26 -23.18
CA ILE B 113 5.57 23.36 -22.25
C ILE B 113 6.55 23.03 -21.13
N PRO B 114 7.58 23.86 -20.96
CA PRO B 114 8.61 23.66 -19.92
C PRO B 114 8.11 23.90 -18.52
N LEU B 115 8.73 23.23 -17.56
CA LEU B 115 8.38 23.38 -16.15
C LEU B 115 9.49 24.19 -15.48
N HIS B 116 9.11 25.13 -14.63
CA HIS B 116 10.11 25.96 -13.97
C HIS B 116 11.16 25.13 -13.24
N GLU B 117 12.42 25.38 -13.59
CA GLU B 117 13.56 24.66 -13.04
C GLU B 117 13.54 24.49 -11.52
N ASP B 118 12.89 25.40 -10.79
CA ASP B 118 12.87 25.28 -9.35
C ASP B 118 11.87 24.27 -8.80
N PHE B 119 10.87 23.95 -9.62
CA PHE B 119 9.86 22.97 -9.22
C PHE B 119 10.17 21.55 -9.67
N ARG B 120 10.98 21.40 -10.71
CA ARG B 120 11.30 20.09 -11.26
C ARG B 120 11.75 19.01 -10.26
N PRO B 121 12.60 19.36 -9.28
CA PRO B 121 13.04 18.33 -8.34
C PRO B 121 11.95 17.63 -7.57
N TYR B 122 10.79 18.25 -7.44
CA TYR B 122 9.70 17.63 -6.72
C TYR B 122 8.97 16.59 -7.54
N THR B 123 9.30 16.49 -8.82
CA THR B 123 8.64 15.52 -9.69
C THR B 123 9.43 14.22 -9.78
N ALA B 124 10.44 14.06 -8.95
CA ALA B 124 11.24 12.86 -9.04
C ALA B 124 10.45 11.59 -8.86
N PHE B 125 10.79 10.59 -9.67
CA PHE B 125 10.17 9.27 -9.59
C PHE B 125 11.27 8.23 -9.83
N THR B 126 11.01 6.99 -9.45
CA THR B 126 12.01 5.92 -9.55
C THR B 126 11.47 4.70 -10.30
N LEU B 127 12.28 4.12 -11.17
CA LEU B 127 11.87 2.90 -11.88
C LEU B 127 12.58 1.75 -11.16
N PRO B 128 11.80 0.78 -10.64
CA PRO B 128 12.46 -0.33 -9.96
C PRO B 128 13.10 -1.35 -10.92
N SER B 129 13.74 -2.37 -10.36
CA SER B 129 14.35 -3.41 -11.15
C SER B 129 14.07 -4.72 -10.45
N VAL B 130 13.79 -5.75 -11.24
CA VAL B 130 13.49 -7.07 -10.68
C VAL B 130 14.63 -7.54 -9.79
N ASN B 131 14.26 -8.14 -8.66
CA ASN B 131 15.23 -8.66 -7.72
C ASN B 131 16.25 -7.62 -7.31
N ASN B 132 15.88 -6.35 -7.42
CA ASN B 132 16.81 -5.29 -7.03
C ASN B 132 18.20 -5.49 -7.63
N ALA B 133 18.26 -6.04 -8.83
CA ALA B 133 19.55 -6.28 -9.50
C ALA B 133 20.41 -5.05 -9.62
N GLU B 134 19.77 -3.88 -9.70
CA GLU B 134 20.50 -2.63 -9.83
C GLU B 134 19.73 -1.55 -9.15
N PRO B 135 20.41 -0.46 -8.75
CA PRO B 135 19.75 0.67 -8.09
C PRO B 135 18.61 1.23 -8.94
N GLY B 136 17.72 1.97 -8.31
CA GLY B 136 16.60 2.54 -9.04
C GLY B 136 17.05 3.61 -10.00
N LYS B 137 16.41 3.65 -11.17
CA LYS B 137 16.72 4.64 -12.19
C LYS B 137 15.77 5.80 -11.90
N ARG B 138 16.32 6.95 -11.49
CA ARG B 138 15.52 8.13 -11.12
C ARG B 138 15.47 9.25 -12.14
N TYR B 139 14.30 9.87 -12.29
CA TYR B 139 14.11 10.95 -13.25
C TYR B 139 13.32 12.07 -12.63
N ILE B 140 13.35 13.22 -13.28
CA ILE B 140 12.57 14.38 -12.87
C ILE B 140 12.12 14.97 -14.20
N TYR B 141 11.01 15.69 -14.18
CA TYR B 141 10.47 16.31 -15.37
C TYR B 141 11.06 17.67 -15.69
N LYS B 142 11.15 17.97 -16.99
CA LYS B 142 11.65 19.26 -17.49
C LYS B 142 10.48 20.01 -18.12
N VAL B 143 9.35 19.31 -18.26
CA VAL B 143 8.14 19.86 -18.85
C VAL B 143 6.94 19.51 -17.98
N LEU B 144 5.80 20.12 -18.29
CA LEU B 144 4.56 19.86 -17.57
C LEU B 144 4.31 18.36 -17.52
N PRO B 145 4.20 17.80 -16.30
CA PRO B 145 3.96 16.35 -16.15
C PRO B 145 2.50 15.94 -16.20
N GLN B 146 2.20 14.81 -16.85
CA GLN B 146 0.82 14.35 -16.86
C GLN B 146 0.55 13.93 -15.42
N GLY B 147 -0.63 14.28 -14.91
CA GLY B 147 -0.96 13.90 -13.54
C GLY B 147 -0.80 14.98 -12.49
N TRP B 148 -0.10 16.06 -12.85
CA TRP B 148 0.09 17.17 -11.93
C TRP B 148 -1.08 18.12 -12.18
N LYS B 149 -1.69 18.64 -11.11
CA LYS B 149 -2.84 19.53 -11.26
C LYS B 149 -2.50 20.83 -11.93
N GLY B 150 -1.23 21.21 -11.88
CA GLY B 150 -0.81 22.45 -12.49
C GLY B 150 -0.67 22.40 -13.99
N SER B 151 -0.52 21.20 -14.53
CA SER B 151 -0.35 21.06 -15.97
C SER B 151 -1.55 21.50 -16.80
N PRO B 152 -2.75 20.94 -16.56
CA PRO B 152 -3.85 21.42 -17.39
C PRO B 152 -4.01 22.94 -17.30
N ALA B 153 -3.75 23.50 -16.13
CA ALA B 153 -3.88 24.93 -15.93
C ALA B 153 -2.86 25.75 -16.70
N ILE B 154 -1.60 25.34 -16.64
CA ILE B 154 -0.54 26.07 -17.34
C ILE B 154 -0.61 25.87 -18.86
N PHE B 155 -1.31 24.82 -19.28
CA PHE B 155 -1.47 24.48 -20.69
C PHE B 155 -2.71 25.11 -21.31
N GLN B 156 -3.56 25.69 -20.46
CA GLN B 156 -4.80 26.30 -20.91
C GLN B 156 -4.66 27.21 -22.10
N HIS B 157 -3.63 28.06 -22.13
CA HIS B 157 -3.53 28.95 -23.26
C HIS B 157 -3.29 28.20 -24.56
N THR B 158 -2.33 27.29 -24.54
CA THR B 158 -2.01 26.50 -25.71
C THR B 158 -3.25 25.75 -26.20
N MET B 159 -4.00 25.21 -25.25
CA MET B 159 -5.21 24.47 -25.53
C MET B 159 -6.31 25.38 -26.06
N ARG B 160 -6.44 26.55 -25.43
CA ARG B 160 -7.44 27.54 -25.80
C ARG B 160 -7.27 27.98 -27.27
N GLN B 161 -6.02 28.15 -27.70
CA GLN B 161 -5.72 28.57 -29.07
C GLN B 161 -6.30 27.61 -30.11
N VAL B 162 -6.68 26.41 -29.69
CA VAL B 162 -7.23 25.41 -30.61
C VAL B 162 -8.73 25.13 -30.41
N LEU B 163 -9.11 24.90 -29.16
CA LEU B 163 -10.50 24.57 -28.83
C LEU B 163 -11.51 25.70 -28.97
N GLU B 164 -11.09 26.94 -28.68
CA GLU B 164 -11.98 28.09 -28.79
C GLU B 164 -12.51 28.28 -30.23
N PRO B 165 -11.63 28.13 -31.23
CA PRO B 165 -12.09 28.28 -32.61
C PRO B 165 -13.07 27.15 -32.93
N PHE B 166 -12.59 25.92 -32.72
CA PHE B 166 -13.36 24.71 -32.97
C PHE B 166 -14.68 24.68 -32.21
N ARG B 167 -14.74 25.36 -31.07
CA ARG B 167 -15.98 25.39 -30.29
C ARG B 167 -17.04 26.25 -30.97
N LYS B 168 -16.61 27.39 -31.52
CA LYS B 168 -17.55 28.28 -32.21
C LYS B 168 -18.11 27.55 -33.43
N ALA B 169 -17.26 26.80 -34.12
CA ALA B 169 -17.66 26.05 -35.30
C ALA B 169 -18.54 24.85 -34.98
N ASN B 170 -18.76 24.59 -33.70
CA ASN B 170 -19.58 23.46 -33.26
C ASN B 170 -20.18 23.79 -31.89
N LYS B 171 -21.07 24.78 -31.88
CA LYS B 171 -21.73 25.24 -30.65
C LYS B 171 -22.69 24.20 -30.03
N ASP B 172 -22.95 23.10 -30.76
CA ASP B 172 -23.85 22.04 -30.27
C ASP B 172 -23.08 21.00 -29.42
N VAL B 173 -21.79 20.89 -29.71
CA VAL B 173 -20.90 19.95 -29.03
C VAL B 173 -20.27 20.59 -27.81
N ILE B 174 -20.14 19.83 -26.73
CA ILE B 174 -19.54 20.33 -25.50
C ILE B 174 -18.12 19.73 -25.39
N ILE B 175 -17.11 20.59 -25.35
CA ILE B 175 -15.72 20.15 -25.24
C ILE B 175 -15.12 20.73 -23.96
N ILE B 176 -15.00 19.93 -22.91
CA ILE B 176 -14.41 20.44 -21.67
C ILE B 176 -13.26 19.54 -21.25
N GLN B 177 -12.31 20.12 -20.53
CA GLN B 177 -11.16 19.34 -20.07
C GLN B 177 -11.15 19.23 -18.55
N TYR B 178 -10.83 18.03 -18.07
CA TYR B 178 -10.71 17.72 -16.63
C TYR B 178 -9.40 16.98 -16.46
N MET B 179 -8.41 17.63 -15.86
CA MET B 179 -7.10 17.03 -15.69
C MET B 179 -6.53 16.67 -17.06
N ASP B 180 -6.04 15.44 -17.21
CA ASP B 180 -5.45 14.99 -18.46
C ASP B 180 -6.50 14.49 -19.44
N ASP B 181 -7.77 14.70 -19.12
CA ASP B 181 -8.87 14.24 -19.98
C ASP B 181 -9.58 15.35 -20.74
N ILE B 182 -10.05 15.01 -21.92
CA ILE B 182 -10.79 15.96 -22.72
C ILE B 182 -12.09 15.24 -23.11
N LEU B 183 -13.24 15.81 -22.72
CA LEU B 183 -14.53 15.20 -23.02
C LEU B 183 -15.21 15.87 -24.19
N ILE B 184 -15.53 15.09 -25.22
CA ILE B 184 -16.22 15.60 -26.41
C ILE B 184 -17.63 15.03 -26.32
N ALA B 185 -18.60 15.86 -25.94
CA ALA B 185 -19.98 15.38 -25.80
C ALA B 185 -20.95 16.03 -26.80
N SER B 186 -21.84 15.23 -27.38
CA SER B 186 -22.81 15.76 -28.33
C SER B 186 -23.98 14.82 -28.59
N ASP B 187 -24.98 15.32 -29.30
CA ASP B 187 -26.18 14.56 -29.65
C ASP B 187 -26.19 14.11 -31.11
N ARG B 188 -25.10 14.38 -31.82
CA ARG B 188 -24.99 14.00 -33.22
C ARG B 188 -25.12 12.51 -33.43
N THR B 189 -25.29 12.12 -34.69
CA THR B 189 -25.37 10.71 -35.03
C THR B 189 -23.92 10.25 -34.85
N ASP B 190 -23.75 8.95 -34.62
CA ASP B 190 -22.42 8.43 -34.39
C ASP B 190 -21.38 8.83 -35.42
N LEU B 191 -21.74 8.81 -36.70
CA LEU B 191 -20.76 9.18 -37.71
C LEU B 191 -20.42 10.68 -37.62
N GLU B 192 -21.40 11.50 -37.29
CA GLU B 192 -21.17 12.94 -37.16
C GLU B 192 -20.44 13.27 -35.86
N HIS B 193 -20.54 12.35 -34.91
CA HIS B 193 -19.86 12.52 -33.64
C HIS B 193 -18.42 12.05 -33.83
N ASP B 194 -18.25 10.85 -34.37
CA ASP B 194 -16.91 10.33 -34.61
C ASP B 194 -16.14 11.33 -35.47
N ARG B 195 -16.89 12.06 -36.29
CA ARG B 195 -16.31 13.06 -37.18
C ARG B 195 -15.71 14.20 -36.36
N VAL B 196 -16.53 14.76 -35.46
CA VAL B 196 -16.06 15.85 -34.60
C VAL B 196 -14.85 15.43 -33.80
N VAL B 197 -14.85 14.16 -33.37
CA VAL B 197 -13.77 13.60 -32.59
C VAL B 197 -12.49 13.50 -33.39
N LEU B 198 -12.58 12.98 -34.61
CA LEU B 198 -11.41 12.85 -35.45
C LEU B 198 -10.86 14.25 -35.74
N GLN B 199 -11.74 15.20 -36.04
CA GLN B 199 -11.30 16.55 -36.33
C GLN B 199 -10.48 17.07 -35.16
N LEU B 200 -11.08 17.02 -33.98
CA LEU B 200 -10.44 17.51 -32.77
C LEU B 200 -9.06 16.87 -32.54
N LYS B 201 -8.95 15.56 -32.79
CA LYS B 201 -7.67 14.86 -32.62
C LYS B 201 -6.64 15.41 -33.60
N GLU B 202 -7.06 15.64 -34.84
CA GLU B 202 -6.16 16.18 -35.85
C GLU B 202 -5.62 17.53 -35.40
N LEU B 203 -6.45 18.33 -34.74
CA LEU B 203 -6.04 19.63 -34.26
C LEU B 203 -5.04 19.53 -33.10
N LEU B 204 -5.19 18.51 -32.28
CA LEU B 204 -4.29 18.31 -31.14
C LEU B 204 -2.91 17.88 -31.64
N ASN B 205 -2.88 16.88 -32.52
CA ASN B 205 -1.64 16.35 -33.09
C ASN B 205 -0.72 17.43 -33.64
N GLY B 206 -1.29 18.61 -33.91
CA GLY B 206 -0.52 19.73 -34.43
C GLY B 206 -0.02 20.64 -33.33
N TRP B 224 -7.31 7.92 -29.80
CA TRP B 224 -6.34 7.14 -29.06
C TRP B 224 -6.72 7.06 -27.58
N MET B 225 -5.91 6.35 -26.80
CA MET B 225 -6.17 6.17 -25.37
C MET B 225 -7.25 7.09 -24.84
N GLY B 226 -8.46 6.54 -24.83
CA GLY B 226 -9.66 7.23 -24.36
C GLY B 226 -10.81 6.22 -24.36
N TYR B 227 -12.02 6.67 -24.04
CA TYR B 227 -13.16 5.76 -23.98
C TYR B 227 -14.49 6.45 -24.26
N GLU B 228 -15.53 5.64 -24.40
CA GLU B 228 -16.87 6.13 -24.70
C GLU B 228 -17.87 5.99 -23.55
N LEU B 229 -18.76 6.97 -23.45
CA LEU B 229 -19.83 7.00 -22.45
C LEU B 229 -21.14 7.33 -23.17
N TRP B 230 -22.23 6.78 -22.65
CA TRP B 230 -23.55 7.00 -23.20
C TRP B 230 -24.44 7.42 -22.04
N PRO B 231 -24.24 8.65 -21.55
CA PRO B 231 -24.97 9.26 -20.43
C PRO B 231 -26.47 9.02 -20.40
N THR B 232 -27.15 9.32 -21.50
CA THR B 232 -28.59 9.16 -21.57
C THR B 232 -29.04 7.71 -21.59
N LYS B 233 -28.10 6.79 -21.44
CA LYS B 233 -28.43 5.39 -21.43
C LYS B 233 -28.33 4.89 -19.97
N TRP B 234 -27.88 5.78 -19.09
CA TRP B 234 -27.71 5.47 -17.66
C TRP B 234 -29.04 5.50 -16.93
N LYS B 235 -29.39 4.40 -16.28
CA LYS B 235 -30.64 4.36 -15.57
C LYS B 235 -30.48 4.91 -14.15
N LEU B 236 -31.29 5.91 -13.84
CA LEU B 236 -31.28 6.53 -12.53
C LEU B 236 -31.89 5.56 -11.53
N GLN B 237 -31.21 5.33 -10.42
CA GLN B 237 -31.70 4.41 -9.40
C GLN B 237 -31.88 5.12 -8.07
N LYS B 238 -32.73 4.55 -7.22
CA LYS B 238 -33.00 5.16 -5.92
C LYS B 238 -33.29 4.11 -4.85
N ILE B 239 -33.23 4.53 -3.59
CA ILE B 239 -33.52 3.64 -2.49
C ILE B 239 -35.02 3.51 -2.50
N GLN B 240 -35.53 2.29 -2.48
CA GLN B 240 -36.98 2.04 -2.49
C GLN B 240 -37.34 1.03 -1.46
N LEU B 241 -38.37 1.34 -0.67
CA LEU B 241 -38.82 0.45 0.41
C LEU B 241 -39.58 -0.72 -0.15
N PRO B 242 -39.44 -1.87 0.49
CA PRO B 242 -40.13 -3.05 -0.01
C PRO B 242 -41.65 -2.91 0.01
N GLN B 243 -42.30 -3.71 -0.82
CA GLN B 243 -43.74 -3.77 -0.90
C GLN B 243 -44.08 -5.24 -0.89
N LYS B 244 -44.83 -5.65 0.12
CA LYS B 244 -45.21 -7.04 0.24
C LYS B 244 -46.69 -7.18 0.41
N GLU B 245 -47.18 -8.33 0.00
CA GLU B 245 -48.58 -8.68 0.08
C GLU B 245 -48.85 -8.95 1.55
N ILE B 246 -47.99 -9.75 2.16
CA ILE B 246 -48.14 -10.07 3.57
C ILE B 246 -46.86 -9.86 4.35
N TRP B 247 -46.96 -8.99 5.34
CA TRP B 247 -45.83 -8.65 6.17
C TRP B 247 -45.81 -9.47 7.43
N THR B 248 -44.62 -9.97 7.77
CA THR B 248 -44.47 -10.74 9.00
C THR B 248 -43.70 -9.90 9.98
N VAL B 249 -43.58 -10.40 11.21
CA VAL B 249 -42.83 -9.73 12.27
C VAL B 249 -41.40 -9.51 11.78
N ASN B 250 -40.83 -10.53 11.17
CA ASN B 250 -39.48 -10.43 10.65
C ASN B 250 -39.40 -9.31 9.61
N ASP B 251 -40.38 -9.26 8.71
CA ASP B 251 -40.41 -8.25 7.65
C ASP B 251 -40.41 -6.84 8.20
N ILE B 252 -41.19 -6.64 9.25
CA ILE B 252 -41.27 -5.32 9.88
C ILE B 252 -39.97 -5.03 10.64
N GLN B 253 -39.36 -6.06 11.23
CA GLN B 253 -38.10 -5.88 11.96
C GLN B 253 -37.05 -5.43 10.94
N LYS B 254 -37.02 -6.10 9.79
CA LYS B 254 -36.05 -5.75 8.75
C LYS B 254 -36.31 -4.35 8.20
N LEU B 255 -37.59 -4.00 8.03
CA LEU B 255 -37.94 -2.67 7.51
C LEU B 255 -37.52 -1.56 8.49
N VAL B 256 -37.91 -1.70 9.74
CA VAL B 256 -37.55 -0.70 10.74
C VAL B 256 -36.03 -0.55 10.79
N GLY B 257 -35.32 -1.65 10.63
CA GLY B 257 -33.87 -1.59 10.64
C GLY B 257 -33.29 -0.67 9.58
N VAL B 258 -33.68 -0.87 8.33
CA VAL B 258 -33.18 -0.03 7.25
C VAL B 258 -33.74 1.39 7.38
N LEU B 259 -34.94 1.53 7.92
CA LEU B 259 -35.54 2.85 8.13
C LEU B 259 -34.70 3.62 9.13
N ASN B 260 -34.17 2.88 10.11
CA ASN B 260 -33.29 3.45 11.13
C ASN B 260 -31.94 3.88 10.51
N TRP B 261 -31.50 3.16 9.49
CA TRP B 261 -30.28 3.50 8.77
C TRP B 261 -30.53 4.78 7.99
N ALA B 262 -31.69 4.85 7.36
CA ALA B 262 -32.05 6.02 6.55
C ALA B 262 -32.27 7.24 7.40
N ALA B 263 -32.85 7.08 8.59
CA ALA B 263 -33.10 8.22 9.46
C ALA B 263 -31.83 9.03 9.74
N GLN B 264 -30.67 8.39 9.60
CA GLN B 264 -29.40 9.06 9.85
C GLN B 264 -28.99 9.92 8.66
N LEU B 265 -29.50 9.57 7.48
CA LEU B 265 -29.17 10.25 6.22
C LEU B 265 -30.26 11.16 5.70
N TYR B 266 -31.50 10.75 5.91
CA TYR B 266 -32.65 11.52 5.45
C TYR B 266 -33.48 12.05 6.63
N PRO B 267 -33.80 13.34 6.59
CA PRO B 267 -34.60 13.95 7.66
C PRO B 267 -36.08 13.60 7.53
N GLY B 268 -36.76 13.46 8.67
CA GLY B 268 -38.18 13.17 8.63
C GLY B 268 -38.60 11.72 8.67
N ILE B 269 -37.65 10.80 8.50
CA ILE B 269 -37.95 9.37 8.51
C ILE B 269 -38.26 8.93 9.95
N LYS B 270 -39.41 8.27 10.14
CA LYS B 270 -39.85 7.80 11.46
C LYS B 270 -40.20 6.31 11.44
N THR B 271 -40.16 5.66 12.60
CA THR B 271 -40.48 4.24 12.70
C THR B 271 -41.30 3.90 13.93
N LYS B 272 -41.68 4.90 14.72
CA LYS B 272 -42.43 4.66 15.95
C LYS B 272 -43.66 3.77 15.77
N HIS B 273 -44.50 4.12 14.78
CA HIS B 273 -45.73 3.37 14.50
C HIS B 273 -45.54 2.00 13.90
N LEU B 274 -44.47 1.83 13.14
CA LEU B 274 -44.17 0.53 12.53
C LEU B 274 -43.68 -0.40 13.63
N CYS B 275 -42.89 0.14 14.55
CA CYS B 275 -42.36 -0.65 15.68
C CYS B 275 -43.50 -1.10 16.58
N ARG B 276 -44.47 -0.23 16.73
CA ARG B 276 -45.63 -0.51 17.56
C ARG B 276 -46.38 -1.74 17.01
N LEU B 277 -46.30 -1.98 15.71
CA LEU B 277 -46.95 -3.14 15.09
C LEU B 277 -46.46 -4.46 15.68
N ILE B 278 -45.19 -4.50 16.03
CA ILE B 278 -44.60 -5.71 16.56
C ILE B 278 -44.18 -5.59 18.03
N SER B 279 -44.68 -4.57 18.72
CA SER B 279 -44.32 -4.41 20.12
C SER B 279 -44.78 -5.57 20.96
N GLY B 280 -45.80 -6.27 20.49
CA GLY B 280 -46.30 -7.39 21.26
C GLY B 280 -46.14 -8.72 20.57
N LYS B 281 -45.19 -8.80 19.64
CA LYS B 281 -44.96 -10.02 18.88
C LYS B 281 -43.49 -10.45 18.83
N MET B 282 -43.23 -11.72 19.13
CA MET B 282 -41.88 -12.26 19.15
C MET B 282 -41.62 -13.33 18.10
N THR B 283 -42.68 -13.95 17.60
CA THR B 283 -42.52 -15.00 16.59
C THR B 283 -42.30 -14.38 15.21
N LEU B 284 -41.12 -14.61 14.65
CA LEU B 284 -40.74 -14.03 13.39
C LEU B 284 -41.64 -14.30 12.19
N THR B 285 -42.30 -15.45 12.18
CA THR B 285 -43.16 -15.81 11.05
C THR B 285 -44.59 -15.30 11.14
N GLU B 286 -44.95 -14.76 12.29
CA GLU B 286 -46.29 -14.24 12.52
C GLU B 286 -46.58 -13.02 11.64
N GLU B 287 -47.82 -12.92 11.13
CA GLU B 287 -48.21 -11.79 10.30
C GLU B 287 -48.63 -10.64 11.19
N VAL B 288 -48.27 -9.41 10.83
CA VAL B 288 -48.64 -8.26 11.63
C VAL B 288 -50.00 -7.72 11.19
N GLN B 289 -50.75 -7.21 12.15
CA GLN B 289 -52.04 -6.62 11.84
C GLN B 289 -51.80 -5.10 11.69
N TRP B 290 -51.97 -4.61 10.47
CA TRP B 290 -51.73 -3.21 10.18
C TRP B 290 -52.66 -2.20 10.83
N THR B 291 -52.13 -1.03 11.12
CA THR B 291 -52.88 0.07 11.70
C THR B 291 -52.82 1.23 10.67
N GLU B 292 -53.74 2.19 10.76
CA GLU B 292 -53.74 3.32 9.85
C GLU B 292 -52.49 4.14 10.12
N LEU B 293 -52.10 4.23 11.39
CA LEU B 293 -50.90 4.98 11.78
C LEU B 293 -49.65 4.40 11.11
N ALA B 294 -49.48 3.10 11.20
CA ALA B 294 -48.35 2.43 10.57
C ALA B 294 -48.37 2.63 9.06
N GLU B 295 -49.54 2.47 8.46
CA GLU B 295 -49.66 2.62 7.01
C GLU B 295 -49.34 4.00 6.54
N ALA B 296 -49.81 4.99 7.29
CA ALA B 296 -49.56 6.38 6.96
C ALA B 296 -48.09 6.71 7.18
N GLU B 297 -47.48 6.06 8.17
CA GLU B 297 -46.07 6.29 8.46
C GLU B 297 -45.20 5.66 7.37
N LEU B 298 -45.52 4.44 6.95
CA LEU B 298 -44.75 3.80 5.88
C LEU B 298 -44.92 4.60 4.57
N GLU B 299 -46.13 5.08 4.31
CA GLU B 299 -46.38 5.88 3.12
C GLU B 299 -45.63 7.20 3.19
N GLU B 300 -45.69 7.87 4.34
CA GLU B 300 -44.99 9.13 4.50
C GLU B 300 -43.52 8.89 4.21
N ASN B 301 -42.97 7.81 4.77
CA ASN B 301 -41.57 7.50 4.55
C ASN B 301 -41.26 7.25 3.08
N ARG B 302 -42.17 6.61 2.35
CA ARG B 302 -41.92 6.39 0.92
C ARG B 302 -41.86 7.73 0.19
N ILE B 303 -42.74 8.64 0.56
CA ILE B 303 -42.81 9.94 -0.09
C ILE B 303 -41.57 10.75 0.25
N ILE B 304 -41.14 10.69 1.50
CA ILE B 304 -39.93 11.41 1.94
C ILE B 304 -38.75 10.94 1.11
N LEU B 305 -38.48 9.64 1.14
CA LEU B 305 -37.38 9.07 0.36
C LEU B 305 -37.46 9.46 -1.10
N SER B 306 -38.64 9.30 -1.69
CA SER B 306 -38.81 9.65 -3.09
C SER B 306 -38.53 11.12 -3.39
N GLN B 307 -39.14 12.00 -2.60
CA GLN B 307 -39.01 13.45 -2.75
C GLN B 307 -37.60 13.96 -2.45
N GLU B 308 -36.99 13.44 -1.40
CA GLU B 308 -35.65 13.86 -1.03
C GLU B 308 -34.58 13.37 -2.00
N GLN B 309 -34.82 12.25 -2.68
CA GLN B 309 -33.83 11.74 -3.61
C GLN B 309 -33.93 12.43 -4.97
N GLU B 310 -34.93 13.29 -5.13
CA GLU B 310 -35.04 14.01 -6.40
C GLU B 310 -34.53 15.42 -6.17
N GLY B 311 -34.09 15.69 -4.94
CA GLY B 311 -33.57 17.00 -4.62
C GLY B 311 -32.15 17.23 -5.14
N HIS B 312 -31.62 18.41 -4.84
CA HIS B 312 -30.27 18.79 -5.25
C HIS B 312 -29.57 19.37 -4.01
N TYR B 313 -28.61 18.62 -3.48
CA TYR B 313 -27.90 19.04 -2.27
C TYR B 313 -26.39 19.24 -2.43
N TYR B 314 -25.91 19.17 -3.65
CA TYR B 314 -24.48 19.33 -3.88
C TYR B 314 -23.89 20.65 -3.39
N GLN B 315 -22.63 20.59 -2.98
CA GLN B 315 -21.91 21.76 -2.52
C GLN B 315 -20.48 21.63 -2.99
N GLU B 316 -20.20 22.22 -4.16
CA GLU B 316 -18.87 22.19 -4.75
C GLU B 316 -17.78 22.73 -3.81
N GLU B 317 -18.19 23.16 -2.64
CA GLU B 317 -17.27 23.69 -1.65
C GLU B 317 -16.83 22.58 -0.69
N LYS B 318 -17.57 21.48 -0.68
CA LYS B 318 -17.22 20.35 0.17
C LYS B 318 -16.76 19.19 -0.68
N GLU B 319 -15.86 18.39 -0.12
CA GLU B 319 -15.29 17.22 -0.77
C GLU B 319 -16.38 16.33 -1.36
N LEU B 320 -16.13 15.77 -2.53
CA LEU B 320 -17.09 14.87 -3.14
C LEU B 320 -16.61 13.49 -2.73
N GLU B 321 -17.50 12.70 -2.14
CA GLU B 321 -17.15 11.36 -1.67
C GLU B 321 -17.98 10.26 -2.28
N ALA B 322 -17.43 9.07 -2.30
CA ALA B 322 -18.16 7.92 -2.81
C ALA B 322 -17.75 6.75 -1.94
N THR B 323 -18.74 6.03 -1.44
CA THR B 323 -18.48 4.85 -0.64
C THR B 323 -19.00 3.65 -1.39
N VAL B 324 -18.18 2.62 -1.49
CA VAL B 324 -18.58 1.41 -2.20
C VAL B 324 -18.79 0.27 -1.23
N GLN B 325 -19.82 -0.53 -1.48
CA GLN B 325 -20.07 -1.68 -0.64
C GLN B 325 -20.84 -2.72 -1.41
N LYS B 326 -20.77 -3.95 -0.91
CA LYS B 326 -21.48 -5.03 -1.55
C LYS B 326 -22.83 -5.28 -0.85
N ASP B 327 -23.89 -5.37 -1.65
CA ASP B 327 -25.27 -5.69 -1.23
C ASP B 327 -25.27 -6.93 -0.33
N GLN B 328 -26.34 -7.12 0.42
CA GLN B 328 -26.44 -8.35 1.20
C GLN B 328 -26.73 -9.43 0.14
N ASP B 329 -27.14 -9.00 -1.06
CA ASP B 329 -27.43 -9.91 -2.18
C ASP B 329 -26.17 -10.06 -3.03
N ASN B 330 -25.06 -9.58 -2.48
CA ASN B 330 -23.75 -9.64 -3.11
C ASN B 330 -23.56 -8.89 -4.41
N GLN B 331 -24.36 -7.85 -4.65
CA GLN B 331 -24.20 -7.02 -5.84
C GLN B 331 -23.39 -5.80 -5.42
N TRP B 332 -22.65 -5.22 -6.36
CA TRP B 332 -21.89 -4.04 -6.01
C TRP B 332 -22.76 -2.79 -6.12
N THR B 333 -22.71 -1.97 -5.06
CA THR B 333 -23.47 -0.74 -4.98
C THR B 333 -22.57 0.35 -4.46
N TYR B 334 -23.02 1.59 -4.59
CA TYR B 334 -22.27 2.72 -4.11
C TYR B 334 -23.21 3.83 -3.79
N LYS B 335 -22.70 4.82 -3.07
CA LYS B 335 -23.48 6.02 -2.75
C LYS B 335 -22.51 7.18 -2.93
N ILE B 336 -22.97 8.21 -3.62
CA ILE B 336 -22.17 9.42 -3.81
C ILE B 336 -22.69 10.31 -2.71
N HIS B 337 -21.79 10.89 -1.92
CA HIS B 337 -22.25 11.71 -0.81
C HIS B 337 -21.27 12.78 -0.39
N GLN B 338 -21.76 13.62 0.51
CA GLN B 338 -20.98 14.68 1.11
C GLN B 338 -21.37 14.56 2.57
N GLU B 339 -20.50 13.95 3.35
CA GLU B 339 -20.77 13.71 4.77
C GLU B 339 -21.95 12.74 4.77
N GLU B 340 -23.04 13.14 5.42
CA GLU B 340 -24.24 12.31 5.51
C GLU B 340 -25.25 12.60 4.39
N LYS B 341 -24.97 13.61 3.59
CA LYS B 341 -25.84 13.97 2.48
C LYS B 341 -25.56 13.07 1.28
N ILE B 342 -26.55 12.25 0.93
CA ILE B 342 -26.45 11.36 -0.21
C ILE B 342 -26.96 12.06 -1.46
N LEU B 343 -26.14 12.08 -2.49
CA LEU B 343 -26.46 12.72 -3.77
C LEU B 343 -26.90 11.72 -4.83
N LYS B 344 -26.45 10.48 -4.70
CA LYS B 344 -26.80 9.47 -5.69
C LYS B 344 -26.47 8.07 -5.17
N VAL B 345 -27.26 7.10 -5.61
CA VAL B 345 -27.03 5.72 -5.23
C VAL B 345 -27.10 4.90 -6.52
N GLY B 346 -26.29 3.86 -6.58
CA GLY B 346 -26.29 3.03 -7.77
C GLY B 346 -26.03 1.58 -7.40
N LYS B 347 -26.37 0.69 -8.32
CA LYS B 347 -26.18 -0.74 -8.11
C LYS B 347 -25.82 -1.33 -9.46
N TYR B 348 -24.75 -2.11 -9.47
CA TYR B 348 -24.30 -2.76 -10.70
C TYR B 348 -24.80 -4.20 -10.72
N ALA B 349 -25.10 -4.69 -11.92
CA ALA B 349 -25.58 -6.06 -12.12
C ALA B 349 -24.60 -7.09 -11.53
N LYS B 350 -25.14 -8.21 -11.04
CA LYS B 350 -24.31 -9.28 -10.46
C LYS B 350 -23.36 -9.88 -11.50
N VAL B 351 -22.19 -10.30 -11.02
CA VAL B 351 -21.14 -10.89 -11.86
C VAL B 351 -21.24 -12.42 -11.98
N LYS B 352 -21.16 -12.96 -13.20
CA LYS B 352 -21.25 -14.41 -13.42
C LYS B 352 -20.00 -15.18 -13.05
N ASN B 353 -18.88 -14.79 -13.67
CA ASN B 353 -17.61 -15.44 -13.40
C ASN B 353 -17.46 -15.53 -11.89
N THR B 354 -17.69 -16.71 -11.36
CA THR B 354 -17.60 -16.92 -9.93
C THR B 354 -16.16 -16.79 -9.42
N HIS B 355 -15.18 -17.13 -10.25
CA HIS B 355 -13.77 -17.04 -9.83
C HIS B 355 -13.00 -15.79 -10.28
N THR B 356 -13.67 -14.64 -10.23
CA THR B 356 -13.04 -13.38 -10.61
C THR B 356 -12.32 -12.80 -9.40
N ASN B 357 -11.24 -12.07 -9.66
CA ASN B 357 -10.43 -11.44 -8.62
C ASN B 357 -11.25 -10.33 -7.91
N GLY B 358 -11.17 -10.29 -6.58
CA GLY B 358 -11.90 -9.26 -5.84
C GLY B 358 -11.37 -7.86 -6.13
N ILE B 359 -10.05 -7.71 -6.11
CA ILE B 359 -9.42 -6.44 -6.37
C ILE B 359 -9.75 -5.95 -7.78
N ARG B 360 -9.93 -6.88 -8.71
CA ARG B 360 -10.26 -6.55 -10.09
C ARG B 360 -11.66 -5.96 -10.15
N LEU B 361 -12.61 -6.67 -9.55
CA LEU B 361 -13.99 -6.23 -9.54
C LEU B 361 -14.11 -4.85 -8.94
N LEU B 362 -13.56 -4.68 -7.74
CA LEU B 362 -13.64 -3.40 -7.06
C LEU B 362 -13.07 -2.28 -7.91
N ALA B 363 -11.95 -2.54 -8.55
CA ALA B 363 -11.29 -1.55 -9.38
C ALA B 363 -12.14 -1.15 -10.59
N GLN B 364 -12.89 -2.10 -11.14
CA GLN B 364 -13.75 -1.79 -12.28
C GLN B 364 -14.90 -0.90 -11.79
N VAL B 365 -15.46 -1.23 -10.63
CA VAL B 365 -16.54 -0.47 -10.04
C VAL B 365 -16.08 0.95 -9.76
N VAL B 366 -14.90 1.09 -9.15
CA VAL B 366 -14.37 2.41 -8.85
C VAL B 366 -14.23 3.29 -10.10
N GLN B 367 -13.68 2.72 -11.17
CA GLN B 367 -13.50 3.50 -12.39
C GLN B 367 -14.84 3.87 -13.01
N LYS B 368 -15.82 2.97 -12.97
CA LYS B 368 -17.14 3.27 -13.52
C LYS B 368 -17.77 4.44 -12.75
N ILE B 369 -17.65 4.39 -11.42
CA ILE B 369 -18.22 5.44 -10.55
C ILE B 369 -17.56 6.78 -10.82
N GLY B 370 -16.24 6.77 -10.95
CA GLY B 370 -15.53 8.00 -11.22
C GLY B 370 -15.93 8.63 -12.56
N LYS B 371 -16.01 7.81 -13.60
CA LYS B 371 -16.38 8.27 -14.93
C LYS B 371 -17.74 8.92 -14.86
N GLU B 372 -18.65 8.24 -14.19
CA GLU B 372 -20.00 8.73 -14.01
C GLU B 372 -20.00 10.06 -13.23
N ALA B 373 -19.18 10.14 -12.18
CA ALA B 373 -19.10 11.36 -11.37
C ALA B 373 -18.54 12.53 -12.15
N LEU B 374 -17.60 12.23 -13.03
CA LEU B 374 -16.97 13.24 -13.87
C LEU B 374 -17.99 13.98 -14.74
N VAL B 375 -18.85 13.21 -15.38
CA VAL B 375 -19.90 13.76 -16.24
C VAL B 375 -20.89 14.60 -15.43
N ILE B 376 -21.38 14.00 -14.35
CA ILE B 376 -22.36 14.61 -13.49
C ILE B 376 -21.89 15.83 -12.68
N TRP B 377 -20.79 15.70 -11.94
CA TRP B 377 -20.29 16.80 -11.10
C TRP B 377 -18.97 17.40 -11.55
N GLY B 378 -18.37 16.83 -12.59
CA GLY B 378 -17.12 17.36 -13.08
C GLY B 378 -15.89 17.10 -12.24
N ARG B 379 -15.96 16.13 -11.33
CA ARG B 379 -14.79 15.82 -10.54
C ARG B 379 -14.80 14.42 -9.93
N ILE B 380 -13.61 13.91 -9.67
CA ILE B 380 -13.42 12.60 -9.08
C ILE B 380 -13.67 12.63 -7.59
N PRO B 381 -14.48 11.68 -7.08
CA PRO B 381 -14.81 11.59 -5.65
C PRO B 381 -13.66 10.99 -4.87
N LYS B 382 -13.70 11.14 -3.56
CA LYS B 382 -12.71 10.50 -2.70
C LYS B 382 -13.44 9.18 -2.38
N PHE B 383 -12.80 8.04 -2.63
CA PHE B 383 -13.47 6.77 -2.38
C PHE B 383 -13.18 6.18 -1.02
N HIS B 384 -14.17 5.50 -0.46
CA HIS B 384 -14.04 4.83 0.82
C HIS B 384 -14.19 3.35 0.40
N LEU B 385 -13.09 2.60 0.41
CA LEU B 385 -13.11 1.22 -0.09
C LEU B 385 -13.12 0.02 0.89
N PRO B 386 -14.01 -0.97 0.64
CA PRO B 386 -14.17 -2.18 1.45
C PRO B 386 -13.05 -3.17 1.08
N VAL B 387 -11.83 -2.75 1.41
CA VAL B 387 -10.63 -3.54 1.11
C VAL B 387 -9.53 -3.13 2.08
N GLU B 388 -8.61 -4.06 2.37
CA GLU B 388 -7.50 -3.79 3.28
C GLU B 388 -6.50 -2.88 2.56
N ARG B 389 -6.06 -1.82 3.23
CA ARG B 389 -5.14 -0.85 2.63
C ARG B 389 -3.95 -1.49 1.92
N GLU B 390 -3.22 -2.33 2.63
CA GLU B 390 -2.05 -2.96 2.06
C GLU B 390 -2.32 -3.80 0.83
N ILE B 391 -3.41 -4.55 0.82
CA ILE B 391 -3.71 -5.36 -0.37
C ILE B 391 -4.08 -4.46 -1.55
N TRP B 392 -4.92 -3.46 -1.31
CA TRP B 392 -5.35 -2.55 -2.36
C TRP B 392 -4.21 -1.76 -2.98
N GLU B 393 -3.38 -1.16 -2.13
CA GLU B 393 -2.25 -0.38 -2.59
C GLU B 393 -1.21 -1.17 -3.38
N GLN B 394 -1.15 -2.48 -3.12
CA GLN B 394 -0.21 -3.36 -3.81
C GLN B 394 -0.72 -3.85 -5.16
N TRP B 395 -2.04 -3.96 -5.32
CA TRP B 395 -2.56 -4.50 -6.58
C TRP B 395 -3.47 -3.66 -7.44
N TRP B 396 -4.01 -2.58 -6.92
CA TRP B 396 -4.94 -1.78 -7.70
C TRP B 396 -4.50 -1.45 -9.14
N ASP B 397 -3.20 -1.16 -9.33
CA ASP B 397 -2.68 -0.81 -10.65
C ASP B 397 -2.72 -1.86 -11.77
N ASN B 398 -2.87 -3.12 -11.40
CA ASN B 398 -2.93 -4.21 -12.37
C ASN B 398 -4.27 -4.26 -13.09
N TYR B 399 -5.25 -3.51 -12.61
CA TYR B 399 -6.58 -3.52 -13.20
C TYR B 399 -7.07 -2.11 -13.52
N TRP B 400 -6.13 -1.17 -13.65
CA TRP B 400 -6.46 0.23 -13.92
C TRP B 400 -6.29 0.63 -15.38
N GLN B 401 -7.31 1.28 -15.95
CA GLN B 401 -7.27 1.71 -17.35
C GLN B 401 -7.50 3.20 -17.58
N VAL B 402 -7.72 3.96 -16.53
CA VAL B 402 -7.92 5.40 -16.70
C VAL B 402 -6.64 6.13 -16.25
N THR B 403 -6.53 7.39 -16.62
CA THR B 403 -5.35 8.19 -16.29
C THR B 403 -5.41 8.95 -14.97
N TRP B 404 -6.55 8.90 -14.29
CA TRP B 404 -6.68 9.59 -13.00
C TRP B 404 -6.62 8.59 -11.86
N ILE B 405 -6.32 9.08 -10.65
CA ILE B 405 -6.25 8.22 -9.46
C ILE B 405 -6.89 9.04 -8.37
N PRO B 406 -7.99 8.55 -7.78
CA PRO B 406 -8.64 9.31 -6.72
C PRO B 406 -7.99 9.08 -5.40
N ASP B 407 -8.34 9.91 -4.44
CA ASP B 407 -7.83 9.71 -3.11
C ASP B 407 -8.77 8.66 -2.58
N TRP B 408 -8.31 7.88 -1.63
CA TRP B 408 -9.14 6.83 -1.10
C TRP B 408 -8.63 6.42 0.26
N ASP B 409 -9.54 5.93 1.10
CA ASP B 409 -9.15 5.41 2.39
C ASP B 409 -9.87 4.07 2.45
N PHE B 410 -9.71 3.35 3.54
CA PHE B 410 -10.29 2.02 3.62
C PHE B 410 -11.25 1.85 4.77
N VAL B 411 -12.37 1.19 4.48
CA VAL B 411 -13.43 1.00 5.46
C VAL B 411 -14.01 -0.39 5.54
N SER B 412 -14.85 -0.57 6.55
CA SER B 412 -15.55 -1.83 6.87
C SER B 412 -17.05 -1.65 6.67
N THR B 413 -17.66 -2.54 5.89
CA THR B 413 -19.09 -2.48 5.64
C THR B 413 -19.94 -3.09 6.76
N PRO B 414 -20.74 -2.26 7.47
CA PRO B 414 -21.60 -2.77 8.55
C PRO B 414 -22.70 -3.68 7.96
N PRO B 415 -23.10 -4.72 8.71
CA PRO B 415 -24.13 -5.60 8.16
C PRO B 415 -25.40 -4.85 7.73
N LEU B 416 -25.77 -3.84 8.49
CA LEU B 416 -26.97 -3.07 8.19
C LEU B 416 -26.86 -2.31 6.87
N VAL B 417 -25.68 -1.80 6.56
CA VAL B 417 -25.50 -1.05 5.32
C VAL B 417 -25.69 -2.01 4.16
N ARG B 418 -25.32 -3.27 4.37
CA ARG B 418 -25.49 -4.26 3.31
C ARG B 418 -26.97 -4.49 3.02
N LEU B 419 -27.81 -4.46 4.06
CA LEU B 419 -29.24 -4.65 3.88
C LEU B 419 -29.83 -3.41 3.28
N ALA B 420 -29.39 -2.26 3.78
CA ALA B 420 -29.88 -0.99 3.28
C ALA B 420 -29.70 -0.86 1.77
N PHE B 421 -28.51 -1.17 1.27
CA PHE B 421 -28.26 -1.05 -0.15
C PHE B 421 -28.93 -2.10 -1.04
N ASN B 422 -29.57 -3.07 -0.42
CA ASN B 422 -30.33 -4.07 -1.16
C ASN B 422 -31.53 -3.32 -1.79
N LEU B 423 -31.89 -2.18 -1.22
CA LEU B 423 -33.03 -1.41 -1.68
C LEU B 423 -32.82 -0.50 -2.88
N VAL B 424 -31.60 -0.47 -3.41
CA VAL B 424 -31.36 0.40 -4.56
C VAL B 424 -31.93 -0.32 -5.78
N GLY B 425 -32.62 0.42 -6.65
CA GLY B 425 -33.17 -0.22 -7.83
C GLY B 425 -33.88 0.73 -8.77
N ASP B 426 -34.62 0.15 -9.72
CA ASP B 426 -35.38 0.90 -10.73
C ASP B 426 -34.52 1.19 -11.97
#